data_3UGG
#
_entry.id   3UGG
#
_cell.length_a   88.420
_cell.length_b   123.800
_cell.length_c   146.390
_cell.angle_alpha   90.000
_cell.angle_beta   90.000
_cell.angle_gamma   90.000
#
_symmetry.space_group_name_H-M   'P 21 21 21'
#
loop_
_entity.id
_entity.type
_entity.pdbx_description
1 polymer 'Sucrose:(Sucrose/fructan) 6-fructosyltransferase'
2 branched alpha-L-fucopyranose-(1-3)-2-acetamido-2-deoxy-beta-D-glucopyranose
3 branched beta-D-mannopyranose-(1-4)-2-acetamido-2-deoxy-beta-D-glucopyranose-(1-4)-[alpha-L-fucopyranose-(1-3)]2-acetamido-2-deoxy-beta-D-glucopyranose
4 branched beta-D-mannopyranose-(1-4)-2-acetamido-2-deoxy-beta-D-glucopyranose-(1-4)-2-acetamido-2-deoxy-beta-D-glucopyranose
5 branched alpha-L-fucopyranose-(1-3)-[2-acetamido-2-deoxy-beta-D-glucopyranose-(1-4)]2-acetamido-2-deoxy-beta-D-glucopyranose
6 branched beta-D-fructofuranose-(2-1)-beta-D-fructofuranose-(2-1)-alpha-D-glucopyranose
7 non-polymer 'SULFATE ION'
8 non-polymer GLYCEROL
9 water water
#
_entity_poly.entity_id   1
_entity_poly.type   'polypeptide(L)'
_entity_poly.pdbx_seq_one_letter_code
;FPDNAVPYPWSNAQLSWQRTAFHFQPERSWMSDPDGPIFYKGWYHFFYQYNPDNPVWGNNTWGHTVSRDLIHWLYLPLAL
AADQWYDMQGVFSGSATCLPDGRIMMLYTGVTKEMVEMLSLAYPADLSDPLLVEWVKYPGNPILSAPPGVSPTEFRDAST
GWYVSNGTWRIAIGAKYNTTGIAMVYETKDFKSFKLLEELLHAVPDTGLWECVDLYPVSTTGEKGLETSVNGPKVKHVLK
ASIDEQQRDYYAIGTYDLGTNKWTPDNPEEDVGIGLRYDWGKYYASKTFYDPKKQRRVVWAWTKELDSEVADREKGWANV
QTIPRTVLLDQKTGTNVLLWPVEEVESLRLSSKEFSKVKAGAGSVVPLDVGTATQLDIIAEFEIDKEALEGTIEADMGYN
CTTSGGAAERGVLGPFGLLVSATENLSEQTPVYFYIAKGTDGNFKTFFCLDESRSSKASDVSKQVKGFTVPVLDGEKFTM
RLLVDHSIVESFAQGGRSCITSRVYPTEAIYGAAKLFLFNNATGASITASLKIWEMNSAFIQPFHR
;
_entity_poly.pdbx_strand_id   A,B
#
loop_
_chem_comp.id
_chem_comp.type
_chem_comp.name
_chem_comp.formula
BMA D-saccharide, beta linking beta-D-mannopyranose 'C6 H12 O6'
FRU D-saccharide, beta linking beta-D-fructofuranose 'C6 H12 O6'
FUC L-saccharide, alpha linking alpha-L-fucopyranose 'C6 H12 O5'
GLC D-saccharide, alpha linking alpha-D-glucopyranose 'C6 H12 O6'
GOL non-polymer GLYCEROL 'C3 H8 O3'
NAG D-saccharide, beta linking 2-acetamido-2-deoxy-beta-D-glucopyranose 'C8 H15 N O6'
SO4 non-polymer 'SULFATE ION' 'O4 S -2'
#
# COMPACT_ATOMS: atom_id res chain seq x y z
N PRO A 7 -18.63 24.88 -1.73
CA PRO A 7 -17.35 24.41 -1.20
C PRO A 7 -17.54 23.57 0.06
N TYR A 8 -17.06 22.32 -0.01
CA TYR A 8 -17.28 21.35 1.06
C TYR A 8 -16.13 21.32 2.08
N PRO A 9 -16.46 21.29 3.38
CA PRO A 9 -15.44 21.22 4.42
C PRO A 9 -14.84 19.82 4.51
N TRP A 10 -13.99 19.50 3.53
CA TRP A 10 -13.36 18.19 3.44
C TRP A 10 -12.53 17.89 4.67
N SER A 11 -12.64 16.65 5.15
CA SER A 11 -11.89 16.21 6.32
C SER A 11 -10.64 15.42 5.91
N ASN A 12 -9.68 15.37 6.81
CA ASN A 12 -8.44 14.65 6.58
C ASN A 12 -8.69 13.19 6.20
N ALA A 13 -9.68 12.58 6.87
CA ALA A 13 -10.05 11.21 6.59
C ALA A 13 -10.71 11.07 5.20
N GLN A 14 -11.55 12.05 4.84
CA GLN A 14 -12.16 12.07 3.51
C GLN A 14 -11.13 12.26 2.40
N LEU A 15 -10.12 13.10 2.65
CA LEU A 15 -9.12 13.43 1.64
C LEU A 15 -8.08 12.34 1.43
N SER A 16 -7.60 11.73 2.52
CA SER A 16 -6.60 10.68 2.42
C SER A 16 -7.16 9.44 1.71
N TRP A 17 -8.47 9.23 1.82
CA TRP A 17 -9.14 8.12 1.17
C TRP A 17 -9.06 8.17 -0.35
N GLN A 18 -8.85 9.38 -0.90
CA GLN A 18 -8.84 9.57 -2.34
C GLN A 18 -7.62 8.97 -3.05
N ARG A 19 -6.50 8.85 -2.34
CA ARG A 19 -5.31 8.20 -2.88
C ARG A 19 -5.62 6.79 -3.38
N THR A 20 -5.03 6.43 -4.51
CA THR A 20 -5.30 5.16 -5.14
C THR A 20 -4.40 4.08 -4.57
N ALA A 21 -4.93 2.85 -4.55
CA ALA A 21 -4.20 1.70 -4.04
C ALA A 21 -3.31 1.06 -5.10
N PHE A 22 -3.76 1.05 -6.36
CA PHE A 22 -3.03 0.38 -7.42
C PHE A 22 -2.89 1.12 -8.75
N HIS A 23 -3.16 2.42 -8.77
CA HIS A 23 -2.87 3.24 -9.93
C HIS A 23 -1.56 3.99 -9.72
N PHE A 24 -0.82 4.25 -10.79
CA PHE A 24 0.38 5.06 -10.63
C PHE A 24 0.11 6.51 -10.28
N GLN A 25 0.89 6.99 -9.32
CA GLN A 25 0.67 8.24 -8.64
C GLN A 25 1.99 8.55 -7.94
N PRO A 26 2.51 9.78 -8.08
CA PRO A 26 3.75 10.07 -7.34
C PRO A 26 3.49 10.21 -5.83
N GLU A 27 4.56 10.26 -5.04
CA GLU A 27 4.41 10.44 -3.60
C GLU A 27 3.51 11.64 -3.27
N ARG A 28 3.71 12.74 -3.98
CA ARG A 28 2.92 13.94 -3.77
C ARG A 28 2.79 14.72 -5.07
N SER A 29 1.98 15.77 -5.04
CA SER A 29 2.00 16.84 -6.04
C SER A 29 1.40 16.49 -7.40
N TRP A 30 1.55 17.41 -8.34
CA TRP A 30 0.90 17.35 -9.64
C TRP A 30 1.60 16.38 -10.59
N MET A 31 0.81 15.63 -11.36
CA MET A 31 1.31 14.78 -12.44
C MET A 31 0.37 14.89 -13.64
N SER A 32 0.95 14.85 -14.84
CA SER A 32 0.20 15.02 -16.10
C SER A 32 0.56 13.98 -17.15
N ASP A 33 0.84 14.47 -18.36
CA ASP A 33 1.10 13.68 -19.55
C ASP A 33 2.12 12.58 -19.34
N PRO A 34 1.82 11.39 -19.89
CA PRO A 34 2.82 10.33 -20.03
C PRO A 34 3.93 10.84 -20.93
N ASP A 35 5.17 10.58 -20.55
CA ASP A 35 6.30 10.96 -21.36
C ASP A 35 7.22 9.79 -21.67
N GLY A 36 7.68 9.75 -22.93
CA GLY A 36 8.57 8.71 -23.45
C GLY A 36 8.49 7.31 -22.87
N PRO A 37 7.33 6.64 -22.98
CA PRO A 37 7.24 5.27 -22.51
C PRO A 37 8.06 4.32 -23.38
N ILE A 38 8.85 3.46 -22.75
CA ILE A 38 9.62 2.42 -23.43
C ILE A 38 9.77 1.20 -22.56
N PHE A 39 10.06 0.06 -23.19
CA PHE A 39 10.53 -1.12 -22.50
C PHE A 39 12.01 -1.29 -22.85
N TYR A 40 12.84 -1.31 -21.83
CA TYR A 40 14.29 -1.40 -22.01
C TYR A 40 14.91 -2.32 -20.97
N LYS A 41 15.70 -3.28 -21.43
CA LYS A 41 16.49 -4.19 -20.59
C LYS A 41 15.73 -4.80 -19.40
N GLY A 42 14.53 -5.31 -19.67
CA GLY A 42 13.73 -6.01 -18.65
C GLY A 42 12.87 -5.13 -17.76
N TRP A 43 12.86 -3.83 -18.04
CA TRP A 43 12.09 -2.87 -17.26
C TRP A 43 11.13 -2.06 -18.12
N TYR A 44 9.90 -1.86 -17.62
CA TYR A 44 9.02 -0.88 -18.23
C TYR A 44 9.33 0.50 -17.69
N HIS A 45 9.63 1.43 -18.60
CA HIS A 45 9.97 2.79 -18.22
C HIS A 45 8.81 3.72 -18.46
N PHE A 46 8.52 4.54 -17.47
CA PHE A 46 7.47 5.53 -17.59
C PHE A 46 7.95 6.88 -17.08
N PHE A 47 7.76 7.91 -17.90
CA PHE A 47 8.05 9.29 -17.51
C PHE A 47 6.74 10.06 -17.51
N TYR A 48 6.71 11.21 -16.83
CA TYR A 48 5.48 11.97 -16.69
C TYR A 48 5.73 13.42 -16.29
N GLN A 49 4.88 14.32 -16.80
CA GLN A 49 4.90 15.73 -16.42
C GLN A 49 4.70 15.84 -14.91
N TYR A 50 5.58 16.58 -14.25
CA TYR A 50 5.59 16.63 -12.79
C TYR A 50 5.97 18.01 -12.27
N ASN A 51 5.16 18.54 -11.36
CA ASN A 51 5.46 19.80 -10.69
C ASN A 51 6.05 19.50 -9.31
N PRO A 52 7.35 19.76 -9.13
CA PRO A 52 7.96 19.49 -7.82
C PRO A 52 7.35 20.32 -6.70
N ASP A 53 6.84 21.49 -7.05
CA ASP A 53 6.48 22.50 -6.05
C ASP A 53 5.05 22.43 -5.52
N ASN A 54 4.07 22.29 -6.43
CA ASN A 54 2.65 22.36 -6.05
C ASN A 54 1.76 21.37 -6.79
N PRO A 55 0.62 20.99 -6.19
CA PRO A 55 -0.38 20.15 -6.84
C PRO A 55 -1.19 20.89 -7.93
N VAL A 56 -0.55 21.82 -8.64
CA VAL A 56 -1.14 22.45 -9.81
C VAL A 56 -0.19 22.30 -10.99
N TRP A 57 -0.69 22.50 -12.21
CA TRP A 57 0.16 22.50 -13.40
C TRP A 57 1.21 23.61 -13.29
N GLY A 58 2.44 23.30 -13.70
CA GLY A 58 3.51 24.28 -13.77
C GLY A 58 4.89 23.72 -13.46
N ASN A 59 5.90 24.57 -13.57
CA ASN A 59 7.30 24.24 -13.24
C ASN A 59 7.73 22.86 -13.76
N ASN A 60 7.32 22.55 -14.98
CA ASN A 60 7.33 21.19 -15.52
C ASN A 60 8.67 20.48 -15.53
N THR A 61 8.67 19.28 -14.97
CA THR A 61 9.82 18.38 -14.98
C THR A 61 9.33 16.99 -15.39
N TRP A 62 10.27 16.10 -15.72
CA TRP A 62 9.95 14.72 -16.06
C TRP A 62 10.24 13.77 -14.90
N GLY A 63 9.19 13.29 -14.24
CA GLY A 63 9.33 12.23 -13.24
C GLY A 63 9.64 10.92 -13.94
N HIS A 64 10.18 9.97 -13.20
CA HIS A 64 10.60 8.71 -13.78
C HIS A 64 10.26 7.56 -12.84
N THR A 65 9.69 6.49 -13.39
CA THR A 65 9.36 5.30 -12.61
C THR A 65 9.54 4.02 -13.44
N VAL A 66 9.74 2.90 -12.76
CA VAL A 66 9.99 1.62 -13.42
C VAL A 66 9.19 0.48 -12.80
N SER A 67 8.95 -0.56 -13.61
CA SER A 67 8.24 -1.74 -13.15
C SER A 67 8.55 -2.92 -14.06
N ARG A 68 8.56 -4.12 -13.47
CA ARG A 68 8.73 -5.36 -14.22
C ARG A 68 7.50 -5.75 -15.02
N ASP A 69 6.34 -5.22 -14.63
CA ASP A 69 5.05 -5.74 -15.10
C ASP A 69 3.99 -4.67 -15.43
N LEU A 70 4.39 -3.40 -15.49
CA LEU A 70 3.47 -2.30 -15.80
C LEU A 70 2.45 -2.02 -14.69
N ILE A 71 2.69 -2.56 -13.50
CA ILE A 71 1.78 -2.39 -12.37
C ILE A 71 2.54 -2.01 -11.10
N HIS A 72 3.54 -2.82 -10.74
CA HIS A 72 4.29 -2.60 -9.52
C HIS A 72 5.40 -1.60 -9.75
N TRP A 73 5.03 -0.33 -9.72
CA TRP A 73 5.94 0.77 -10.00
C TRP A 73 6.85 1.10 -8.84
N LEU A 74 8.05 1.59 -9.17
CA LEU A 74 9.04 2.00 -8.20
C LEU A 74 9.60 3.35 -8.62
N TYR A 75 9.55 4.32 -7.70
CA TYR A 75 10.02 5.68 -7.98
C TYR A 75 11.53 5.77 -8.16
N LEU A 76 11.93 6.56 -9.15
CA LEU A 76 13.33 6.88 -9.39
C LEU A 76 13.49 8.39 -9.34
N PRO A 77 14.74 8.89 -9.23
CA PRO A 77 14.94 10.34 -9.24
C PRO A 77 14.43 10.99 -10.53
N LEU A 78 14.08 12.27 -10.42
CA LEU A 78 13.77 13.10 -11.58
C LEU A 78 14.68 12.82 -12.78
N ALA A 79 14.07 12.66 -13.94
CA ALA A 79 14.83 12.46 -15.17
C ALA A 79 15.32 13.80 -15.72
N LEU A 80 14.40 14.70 -16.00
CA LEU A 80 14.71 15.99 -16.62
C LEU A 80 14.19 17.13 -15.77
N ALA A 81 15.05 18.12 -15.52
CA ALA A 81 14.71 19.31 -14.74
C ALA A 81 14.66 20.55 -15.64
N ALA A 82 14.04 21.61 -15.14
CA ALA A 82 13.99 22.88 -15.86
C ALA A 82 15.24 23.69 -15.51
N ASP A 83 16.39 23.29 -16.04
CA ASP A 83 17.67 23.86 -15.65
C ASP A 83 18.53 24.42 -16.80
N GLN A 84 17.96 24.51 -17.99
CA GLN A 84 18.65 25.11 -19.14
C GLN A 84 17.83 26.28 -19.68
N TRP A 85 18.50 27.32 -20.19
CA TRP A 85 17.80 28.52 -20.67
C TRP A 85 16.65 28.16 -21.62
N TYR A 86 16.85 27.09 -22.39
CA TYR A 86 15.90 26.68 -23.42
C TYR A 86 14.75 25.84 -22.88
N ASP A 87 14.83 25.45 -21.61
CA ASP A 87 13.74 24.74 -20.95
C ASP A 87 13.46 25.23 -19.53
N MET A 88 13.84 26.47 -19.25
CA MET A 88 13.71 27.08 -17.92
C MET A 88 12.25 27.24 -17.48
N GLN A 89 11.36 27.46 -18.44
CA GLN A 89 9.92 27.59 -18.16
C GLN A 89 9.22 26.25 -18.03
N GLY A 90 9.87 25.17 -18.47
CA GLY A 90 9.33 23.84 -18.29
C GLY A 90 9.84 22.81 -19.29
N VAL A 91 9.96 21.58 -18.83
CA VAL A 91 10.26 20.45 -19.70
C VAL A 91 8.94 19.76 -20.06
N PHE A 92 8.38 20.17 -21.20
CA PHE A 92 7.09 19.67 -21.66
C PHE A 92 7.21 18.25 -22.18
N SER A 93 6.10 17.71 -22.69
CA SER A 93 6.03 16.29 -23.02
C SER A 93 6.81 15.93 -24.28
N GLY A 94 7.12 14.64 -24.41
CA GLY A 94 7.86 14.12 -25.56
C GLY A 94 7.83 12.61 -25.66
N SER A 95 8.47 12.08 -26.68
CA SER A 95 8.45 10.64 -26.94
C SER A 95 9.87 10.09 -27.11
N ALA A 96 9.97 8.77 -27.09
CA ALA A 96 11.25 8.10 -27.29
C ALA A 96 11.26 7.32 -28.59
N THR A 97 12.40 7.33 -29.26
CA THR A 97 12.64 6.46 -30.39
C THR A 97 13.85 5.58 -30.04
N CYS A 98 13.71 4.27 -30.22
CA CYS A 98 14.81 3.35 -29.99
C CYS A 98 15.45 2.93 -31.30
N LEU A 99 16.72 3.26 -31.46
CA LEU A 99 17.45 2.97 -32.69
C LEU A 99 18.00 1.54 -32.65
N PRO A 100 18.20 0.90 -33.83
CA PRO A 100 18.67 -0.48 -33.91
C PRO A 100 20.07 -0.71 -33.34
N ASP A 101 20.89 0.34 -33.29
CA ASP A 101 22.22 0.22 -32.70
C ASP A 101 22.23 0.18 -31.17
N GLY A 102 21.06 0.35 -30.56
CA GLY A 102 20.89 0.21 -29.12
C GLY A 102 20.67 1.54 -28.41
N ARG A 103 20.69 2.63 -29.18
CA ARG A 103 20.60 3.97 -28.64
C ARG A 103 19.15 4.39 -28.41
N ILE A 104 18.93 5.18 -27.36
CA ILE A 104 17.63 5.75 -27.05
C ILE A 104 17.70 7.26 -27.25
N MET A 105 16.84 7.77 -28.13
CA MET A 105 16.75 9.19 -28.37
C MET A 105 15.44 9.69 -27.79
N MET A 106 15.54 10.56 -26.80
CA MET A 106 14.37 11.15 -26.18
C MET A 106 14.19 12.57 -26.69
N LEU A 107 13.11 12.80 -27.43
CA LEU A 107 12.77 14.14 -27.93
C LEU A 107 11.71 14.77 -27.06
N TYR A 108 11.95 16.00 -26.61
CA TYR A 108 10.97 16.75 -25.83
C TYR A 108 10.91 18.22 -26.25
N THR A 109 9.88 18.91 -25.76
CA THR A 109 9.76 20.35 -25.97
C THR A 109 10.21 21.08 -24.72
N GLY A 110 11.11 22.04 -24.91
CA GLY A 110 11.54 22.92 -23.83
C GLY A 110 10.98 24.32 -23.99
N VAL A 111 10.57 24.94 -22.90
CA VAL A 111 9.99 26.27 -22.98
C VAL A 111 10.91 27.33 -22.38
N THR A 112 11.14 28.40 -23.14
CA THR A 112 11.99 29.51 -22.69
C THR A 112 11.18 30.54 -21.88
N LYS A 113 11.87 31.40 -21.16
CA LYS A 113 11.24 32.44 -20.34
C LYS A 113 10.24 33.30 -21.13
N GLU A 114 10.41 33.37 -22.44
CA GLU A 114 9.51 34.11 -23.32
C GLU A 114 8.37 33.24 -23.86
N MET A 115 8.15 32.10 -23.20
CA MET A 115 7.10 31.14 -23.57
C MET A 115 7.31 30.50 -24.95
N VAL A 116 8.54 30.55 -25.44
CA VAL A 116 8.86 29.96 -26.74
C VAL A 116 9.07 28.46 -26.59
N GLU A 117 8.41 27.70 -27.45
CA GLU A 117 8.51 26.24 -27.44
C GLU A 117 9.39 25.74 -28.56
N MET A 118 10.46 25.03 -28.17
CA MET A 118 11.42 24.47 -29.13
C MET A 118 11.77 23.03 -28.79
N LEU A 119 12.00 22.23 -29.83
CA LEU A 119 12.34 20.83 -29.68
C LEU A 119 13.76 20.65 -29.16
N SER A 120 13.94 19.73 -28.23
CA SER A 120 15.26 19.39 -27.71
C SER A 120 15.49 17.88 -27.65
N LEU A 121 16.76 17.50 -27.56
CA LEU A 121 17.12 16.09 -27.49
C LEU A 121 17.74 15.77 -26.13
N ALA A 122 17.29 14.66 -25.55
CA ALA A 122 17.94 14.09 -24.37
C ALA A 122 18.22 12.61 -24.63
N TYR A 123 19.19 12.06 -23.90
CA TYR A 123 19.52 10.64 -24.00
C TYR A 123 20.14 10.16 -22.69
N PRO A 124 20.07 8.83 -22.41
CA PRO A 124 20.64 8.29 -21.18
C PRO A 124 22.14 8.53 -21.08
N ALA A 125 22.61 8.80 -19.86
CA ALA A 125 24.03 9.02 -19.61
C ALA A 125 24.79 7.71 -19.64
N ASP A 126 24.05 6.61 -19.46
CA ASP A 126 24.64 5.28 -19.36
C ASP A 126 23.64 4.23 -19.82
N LEU A 127 23.76 3.83 -21.09
CA LEU A 127 22.85 2.83 -21.67
C LEU A 127 22.98 1.44 -21.06
N SER A 128 24.06 1.20 -20.30
CA SER A 128 24.24 -0.07 -19.59
C SER A 128 23.36 -0.20 -18.34
N ASP A 129 22.87 0.94 -17.84
CA ASP A 129 22.00 0.98 -16.67
C ASP A 129 20.55 0.69 -17.09
N PRO A 130 19.99 -0.46 -16.66
CA PRO A 130 18.62 -0.83 -17.05
C PRO A 130 17.58 0.15 -16.52
N LEU A 131 17.93 0.80 -15.41
CA LEU A 131 17.02 1.73 -14.75
C LEU A 131 17.07 3.10 -15.39
N LEU A 132 18.03 3.28 -16.30
CA LEU A 132 18.22 4.55 -17.02
C LEU A 132 18.06 5.76 -16.11
N VAL A 133 18.73 5.72 -14.96
CA VAL A 133 18.56 6.73 -13.90
C VAL A 133 18.94 8.14 -14.35
N GLU A 134 20.16 8.30 -14.87
CA GLU A 134 20.70 9.60 -15.25
C GLU A 134 20.41 9.93 -16.72
N TRP A 135 20.06 11.19 -16.98
CA TRP A 135 19.78 11.65 -18.34
C TRP A 135 20.58 12.89 -18.72
N VAL A 136 21.04 12.92 -19.97
CA VAL A 136 21.88 14.00 -20.48
C VAL A 136 21.14 14.78 -21.55
N LYS A 137 21.29 16.10 -21.51
CA LYS A 137 20.70 16.96 -22.52
C LYS A 137 21.74 17.25 -23.58
N TYR A 138 21.39 16.96 -24.84
CA TYR A 138 22.30 17.18 -25.97
C TYR A 138 22.94 18.56 -25.88
N PRO A 139 24.28 18.62 -25.90
CA PRO A 139 25.00 19.89 -25.79
C PRO A 139 24.53 20.96 -26.77
N GLY A 140 24.07 20.53 -27.95
CA GLY A 140 23.65 21.48 -28.99
C GLY A 140 22.17 21.81 -29.02
N ASN A 141 21.49 21.64 -27.88
CA ASN A 141 20.10 22.07 -27.73
C ASN A 141 19.98 23.60 -27.71
N PRO A 142 18.83 24.13 -28.16
CA PRO A 142 17.67 23.44 -28.74
C PRO A 142 17.89 23.12 -30.23
N ILE A 143 17.20 22.10 -30.72
CA ILE A 143 17.54 21.55 -32.04
C ILE A 143 16.58 21.94 -33.16
N LEU A 144 15.36 22.35 -32.80
CA LEU A 144 14.33 22.68 -33.78
C LEU A 144 13.34 23.72 -33.28
N SER A 145 13.14 24.77 -34.06
CA SER A 145 12.20 25.84 -33.74
C SER A 145 11.10 25.96 -34.79
N ALA A 146 9.97 26.54 -34.39
CA ALA A 146 8.77 26.61 -35.23
C ALA A 146 9.03 27.12 -36.64
N PRO A 147 8.40 26.45 -37.65
CA PRO A 147 8.47 26.91 -39.04
C PRO A 147 7.58 28.15 -39.24
N PRO A 148 7.71 28.83 -40.40
CA PRO A 148 6.98 30.09 -40.65
C PRO A 148 5.47 30.02 -40.48
N GLY A 149 4.87 28.85 -40.68
CA GLY A 149 3.42 28.70 -40.61
C GLY A 149 2.89 28.29 -39.25
N VAL A 150 3.78 28.10 -38.28
CA VAL A 150 3.39 27.64 -36.95
C VAL A 150 3.88 28.61 -35.88
N SER A 151 3.02 28.90 -34.91
CA SER A 151 3.36 29.82 -33.83
C SER A 151 4.41 29.21 -32.88
N PRO A 152 5.51 29.95 -32.63
CA PRO A 152 6.61 29.47 -31.79
C PRO A 152 6.22 29.25 -30.34
N THR A 153 5.09 29.82 -29.93
CA THR A 153 4.56 29.63 -28.58
C THR A 153 3.63 28.43 -28.52
N GLU A 154 3.45 27.76 -29.66
CA GLU A 154 2.57 26.59 -29.78
C GLU A 154 3.18 25.53 -30.69
N PHE A 155 4.34 25.01 -30.29
CA PHE A 155 5.15 24.11 -31.11
C PHE A 155 5.60 22.92 -30.24
N ARG A 156 4.81 21.86 -30.21
CA ARG A 156 4.89 20.83 -29.16
C ARG A 156 4.86 19.40 -29.63
N ASP A 157 5.25 18.51 -28.71
CA ASP A 157 4.82 17.12 -28.66
C ASP A 157 5.25 16.26 -29.84
N ALA A 158 6.56 16.04 -29.95
CA ALA A 158 7.11 15.16 -30.96
C ALA A 158 6.74 13.71 -30.66
N SER A 159 6.26 13.00 -31.67
CA SER A 159 5.86 11.61 -31.55
C SER A 159 7.06 10.69 -31.53
N THR A 160 6.80 9.42 -31.22
CA THR A 160 7.78 8.36 -31.45
C THR A 160 7.93 8.26 -32.96
N GLY A 161 9.16 8.11 -33.43
CA GLY A 161 9.45 8.11 -34.86
C GLY A 161 9.25 6.77 -35.55
N TRP A 162 9.02 6.81 -36.86
CA TRP A 162 8.88 5.60 -37.66
C TRP A 162 9.89 5.60 -38.80
N TYR A 163 10.43 4.41 -39.13
CA TYR A 163 11.51 4.29 -40.10
C TYR A 163 11.04 4.28 -41.54
N VAL A 164 11.80 4.97 -42.41
CA VAL A 164 11.50 5.07 -43.84
C VAL A 164 12.42 4.15 -44.65
N SER A 165 13.69 4.53 -44.74
CA SER A 165 14.74 3.78 -45.43
C SER A 165 16.02 4.62 -45.42
N ASN A 166 17.15 3.97 -45.74
CA ASN A 166 18.45 4.66 -45.93
C ASN A 166 18.90 5.50 -44.72
N GLY A 167 18.45 5.11 -43.53
CA GLY A 167 18.85 5.77 -42.29
C GLY A 167 17.98 6.92 -41.83
N THR A 168 16.87 7.17 -42.54
CA THR A 168 15.97 8.30 -42.27
C THR A 168 14.74 7.88 -41.47
N TRP A 169 14.46 8.61 -40.39
CA TRP A 169 13.29 8.38 -39.54
C TRP A 169 12.30 9.53 -39.71
N ARG A 170 11.04 9.29 -39.37
CA ARG A 170 10.01 10.34 -39.40
C ARG A 170 9.35 10.51 -38.05
N ILE A 171 9.08 11.77 -37.70
CA ILE A 171 8.36 12.08 -36.46
C ILE A 171 7.19 13.01 -36.75
N ALA A 172 6.16 12.92 -35.91
CA ALA A 172 4.99 13.78 -36.03
C ALA A 172 4.97 14.86 -34.96
N ILE A 173 4.73 16.09 -35.39
CA ILE A 173 4.47 17.20 -34.49
C ILE A 173 3.13 17.81 -34.91
N GLY A 174 2.16 17.74 -33.99
CA GLY A 174 0.86 18.33 -34.23
C GLY A 174 0.92 19.83 -34.04
N ALA A 175 0.02 20.53 -34.72
CA ALA A 175 -0.13 21.97 -34.58
C ALA A 175 -1.46 22.37 -35.24
N LYS A 176 -1.55 23.61 -35.72
CA LYS A 176 -2.77 24.09 -36.36
C LYS A 176 -2.54 25.22 -37.35
N TYR A 177 -3.35 25.24 -38.40
CA TYR A 177 -3.46 26.37 -39.31
C TYR A 177 -4.82 26.96 -39.05
N ASN A 178 -4.85 28.19 -38.54
CA ASN A 178 -6.10 28.85 -38.17
C ASN A 178 -6.96 27.93 -37.28
N THR A 179 -8.05 27.37 -37.83
CA THR A 179 -8.88 26.44 -37.05
C THR A 179 -8.74 24.97 -37.46
N THR A 180 -7.88 24.72 -38.45
CA THR A 180 -7.62 23.37 -38.95
C THR A 180 -6.53 22.70 -38.12
N GLY A 181 -6.83 21.52 -37.57
CA GLY A 181 -5.84 20.71 -36.88
C GLY A 181 -4.96 19.97 -37.87
N ILE A 182 -3.65 19.96 -37.62
CA ILE A 182 -2.68 19.38 -38.56
C ILE A 182 -1.61 18.55 -37.87
N ALA A 183 -1.06 17.58 -38.59
CA ALA A 183 0.11 16.85 -38.13
C ALA A 183 1.24 17.05 -39.13
N MET A 184 2.31 17.69 -38.67
CA MET A 184 3.48 17.91 -39.50
C MET A 184 4.40 16.70 -39.40
N VAL A 185 5.22 16.47 -40.41
CA VAL A 185 6.19 15.37 -40.36
C VAL A 185 7.60 15.90 -40.65
N TYR A 186 8.50 15.63 -39.73
CA TYR A 186 9.91 15.96 -39.89
C TYR A 186 10.72 14.70 -40.15
N GLU A 187 11.69 14.79 -41.07
CA GLU A 187 12.63 13.71 -41.30
C GLU A 187 13.94 14.00 -40.60
N THR A 188 14.61 12.94 -40.15
CA THR A 188 15.94 13.03 -39.57
C THR A 188 16.72 11.73 -39.72
N LYS A 189 18.04 11.83 -39.61
CA LYS A 189 18.93 10.67 -39.70
C LYS A 189 19.74 10.52 -38.42
N ASP A 190 19.88 11.61 -37.69
CA ASP A 190 20.75 11.66 -36.52
C ASP A 190 20.02 12.13 -35.25
N PHE A 191 18.75 12.49 -35.42
CA PHE A 191 17.91 13.06 -34.35
C PHE A 191 18.50 14.34 -33.76
N LYS A 192 19.20 15.11 -34.59
CA LYS A 192 19.81 16.38 -34.18
C LYS A 192 19.49 17.48 -35.19
N SER A 193 19.24 17.08 -36.44
CA SER A 193 18.79 18.00 -37.49
C SER A 193 17.46 17.49 -37.99
N PHE A 194 16.50 18.40 -38.22
CA PHE A 194 15.17 18.02 -38.69
C PHE A 194 14.74 18.78 -39.93
N LYS A 195 14.27 18.05 -40.94
CA LYS A 195 13.82 18.65 -42.17
C LYS A 195 12.31 18.50 -42.30
N LEU A 196 11.62 19.62 -42.43
CA LEU A 196 10.16 19.63 -42.54
C LEU A 196 9.72 19.17 -43.91
N LEU A 197 8.87 18.13 -43.94
CA LEU A 197 8.29 17.67 -45.19
C LEU A 197 7.16 18.59 -45.63
N GLU A 198 7.03 18.76 -46.93
CA GLU A 198 6.08 19.70 -47.49
C GLU A 198 4.65 19.20 -47.34
N GLU A 199 4.48 17.88 -47.42
CA GLU A 199 3.17 17.26 -47.28
C GLU A 199 2.87 17.00 -45.80
N LEU A 200 1.72 17.50 -45.34
CA LEU A 200 1.27 17.21 -43.99
C LEU A 200 0.85 15.75 -43.86
N LEU A 201 1.01 15.20 -42.66
CA LEU A 201 0.56 13.83 -42.38
C LEU A 201 -0.94 13.73 -42.61
N HIS A 202 -1.69 14.63 -41.97
CA HIS A 202 -3.12 14.79 -42.20
C HIS A 202 -3.60 16.12 -41.62
N ALA A 203 -4.77 16.56 -42.07
CA ALA A 203 -5.40 17.77 -41.58
C ALA A 203 -6.91 17.58 -41.50
N VAL A 204 -7.53 18.16 -40.47
CA VAL A 204 -8.99 18.16 -40.35
C VAL A 204 -9.48 19.54 -39.93
N PRO A 205 -10.38 20.15 -40.74
CA PRO A 205 -10.93 21.47 -40.43
C PRO A 205 -11.76 21.51 -39.14
N ASP A 206 -11.81 22.69 -38.53
CA ASP A 206 -12.62 22.98 -37.34
C ASP A 206 -12.30 22.19 -36.05
N THR A 207 -11.15 21.52 -36.01
CA THR A 207 -10.78 20.75 -34.82
C THR A 207 -9.96 21.57 -33.84
N GLY A 208 -9.10 22.44 -34.38
CA GLY A 208 -8.19 23.24 -33.58
C GLY A 208 -6.89 22.52 -33.30
N LEU A 209 -6.15 23.02 -32.30
CA LEU A 209 -4.80 22.53 -31.98
C LEU A 209 -4.74 21.05 -31.66
N TRP A 210 -3.89 20.34 -32.42
CA TRP A 210 -3.58 18.93 -32.19
C TRP A 210 -2.34 18.83 -31.33
N GLU A 211 -2.53 18.35 -30.11
CA GLU A 211 -1.40 18.08 -29.23
C GLU A 211 -1.15 16.59 -29.25
N CYS A 212 0.04 16.19 -28.81
CA CYS A 212 0.34 14.79 -28.50
C CYS A 212 -0.13 13.85 -29.62
N VAL A 213 0.35 14.10 -30.84
CA VAL A 213 -0.05 13.29 -32.00
C VAL A 213 0.63 11.92 -31.97
N ASP A 214 -0.17 10.89 -32.24
CA ASP A 214 0.30 9.50 -32.23
C ASP A 214 -0.07 8.83 -33.55
N LEU A 215 0.94 8.31 -34.24
CA LEU A 215 0.74 7.49 -35.42
C LEU A 215 1.35 6.12 -35.16
N TYR A 216 0.53 5.08 -35.27
CA TYR A 216 1.00 3.71 -35.12
C TYR A 216 0.22 2.72 -35.98
N PRO A 217 0.85 1.59 -36.36
CA PRO A 217 0.17 0.57 -37.14
C PRO A 217 -0.56 -0.46 -36.27
N VAL A 218 -1.66 -1.00 -36.81
CA VAL A 218 -2.37 -2.12 -36.16
C VAL A 218 -2.62 -3.26 -37.16
N SER A 219 -2.54 -4.49 -36.65
CA SER A 219 -2.77 -5.69 -37.45
C SER A 219 -4.27 -5.90 -37.70
N THR A 220 -4.59 -6.42 -38.89
CA THR A 220 -5.98 -6.74 -39.25
C THR A 220 -6.32 -8.22 -39.09
N THR A 221 -5.30 -9.04 -38.83
CA THR A 221 -5.48 -10.50 -38.73
C THR A 221 -5.11 -11.08 -37.36
N GLY A 222 -4.01 -10.60 -36.78
CA GLY A 222 -3.47 -11.19 -35.54
C GLY A 222 -4.16 -10.77 -34.25
N GLU A 223 -3.43 -10.89 -33.14
CA GLU A 223 -3.89 -10.43 -31.83
C GLU A 223 -2.74 -9.80 -31.07
N LYS A 224 -1.70 -9.43 -31.82
CA LYS A 224 -0.51 -8.80 -31.27
C LYS A 224 -0.44 -7.34 -31.69
N GLY A 225 0.32 -6.55 -30.94
CA GLY A 225 0.65 -5.19 -31.35
C GLY A 225 1.70 -5.22 -32.42
N LEU A 226 1.88 -4.10 -33.12
CA LEU A 226 2.87 -4.03 -34.19
C LEU A 226 3.97 -3.04 -33.86
N GLU A 227 5.20 -3.38 -34.21
CA GLU A 227 6.33 -2.48 -34.04
C GLU A 227 6.05 -1.22 -34.86
N THR A 228 6.38 -0.06 -34.30
CA THR A 228 5.93 1.22 -34.86
C THR A 228 6.29 1.46 -36.33
N SER A 229 7.38 0.86 -36.79
CA SER A 229 7.85 1.05 -38.16
C SER A 229 7.22 0.09 -39.18
N VAL A 230 6.44 -0.89 -38.70
CA VAL A 230 5.80 -1.88 -39.57
C VAL A 230 4.82 -1.22 -40.53
N ASN A 231 4.93 -1.58 -41.81
CA ASN A 231 3.99 -1.13 -42.83
C ASN A 231 3.76 -2.22 -43.86
N GLY A 232 2.61 -2.16 -44.53
CA GLY A 232 2.26 -3.12 -45.58
C GLY A 232 0.85 -2.92 -46.13
N PRO A 233 0.44 -3.80 -47.06
CA PRO A 233 -0.93 -3.79 -47.61
C PRO A 233 -1.97 -4.46 -46.68
N LYS A 234 -1.49 -5.20 -45.68
CA LYS A 234 -2.37 -5.87 -44.70
C LYS A 234 -2.44 -5.08 -43.38
N VAL A 235 -1.84 -3.90 -43.38
CA VAL A 235 -1.71 -3.10 -42.17
C VAL A 235 -2.58 -1.84 -42.23
N LYS A 236 -3.26 -1.56 -41.15
CA LYS A 236 -3.96 -0.29 -40.98
C LYS A 236 -3.24 0.57 -39.96
N HIS A 237 -3.46 1.88 -40.02
CA HIS A 237 -2.78 2.82 -39.16
C HIS A 237 -3.76 3.68 -38.39
N VAL A 238 -3.60 3.68 -37.07
CA VAL A 238 -4.36 4.57 -36.20
C VAL A 238 -3.63 5.91 -36.15
N LEU A 239 -4.38 6.99 -36.38
CA LEU A 239 -3.88 8.33 -36.13
C LEU A 239 -4.67 8.90 -34.97
N LYS A 240 -3.96 9.37 -33.95
CA LYS A 240 -4.59 9.92 -32.76
C LYS A 240 -4.06 11.31 -32.46
N ALA A 241 -4.95 12.18 -31.99
CA ALA A 241 -4.57 13.52 -31.55
C ALA A 241 -5.32 13.91 -30.29
N SER A 242 -4.65 14.68 -29.44
CA SER A 242 -5.30 15.30 -28.29
C SER A 242 -5.87 16.64 -28.74
N ILE A 243 -7.19 16.76 -28.70
CA ILE A 243 -7.85 17.98 -29.15
C ILE A 243 -7.85 18.98 -28.00
N ASP A 244 -6.90 19.92 -28.07
CA ASP A 244 -6.62 20.88 -27.01
C ASP A 244 -7.86 21.65 -26.51
N GLU A 245 -8.67 22.14 -27.45
CA GLU A 245 -9.83 22.96 -27.13
C GLU A 245 -10.89 22.22 -26.31
N GLN A 246 -10.99 20.92 -26.50
CA GLN A 246 -11.92 20.05 -25.78
C GLN A 246 -11.28 19.36 -24.57
N GLN A 247 -9.95 19.25 -24.57
CA GLN A 247 -9.19 18.47 -23.59
C GLN A 247 -9.60 16.98 -23.58
N ARG A 248 -9.80 16.44 -24.79
CA ARG A 248 -10.22 15.05 -24.98
C ARG A 248 -9.47 14.43 -26.16
N ASP A 249 -9.13 13.15 -26.03
CA ASP A 249 -8.36 12.45 -27.06
C ASP A 249 -9.26 11.76 -28.08
N TYR A 250 -9.01 12.03 -29.37
CA TYR A 250 -9.73 11.39 -30.47
C TYR A 250 -8.78 10.57 -31.32
N TYR A 251 -9.29 9.49 -31.91
CA TYR A 251 -8.51 8.66 -32.83
C TYR A 251 -9.34 8.33 -34.06
N ALA A 252 -8.68 7.88 -35.11
CA ALA A 252 -9.35 7.38 -36.31
C ALA A 252 -8.55 6.26 -36.96
N ILE A 253 -9.26 5.37 -37.62
CA ILE A 253 -8.64 4.22 -38.26
C ILE A 253 -8.50 4.47 -39.76
N GLY A 254 -7.30 4.24 -40.28
CA GLY A 254 -7.02 4.51 -41.68
C GLY A 254 -5.79 3.81 -42.19
N THR A 255 -5.24 4.34 -43.27
CA THR A 255 -4.06 3.77 -43.92
C THR A 255 -3.03 4.86 -44.16
N TYR A 256 -1.76 4.47 -44.09
CA TYR A 256 -0.66 5.39 -44.23
C TYR A 256 0.32 4.87 -45.28
N ASP A 257 0.68 5.76 -46.21
CA ASP A 257 1.59 5.44 -47.30
C ASP A 257 2.94 6.15 -47.10
N LEU A 258 4.01 5.37 -46.98
CA LEU A 258 5.36 5.93 -46.81
C LEU A 258 5.80 6.84 -47.96
N GLY A 259 5.54 6.42 -49.19
CA GLY A 259 5.94 7.16 -50.38
C GLY A 259 5.28 8.52 -50.50
N THR A 260 4.04 8.59 -50.03
CA THR A 260 3.23 9.81 -50.15
C THR A 260 3.29 10.64 -48.85
N ASN A 261 3.51 9.96 -47.73
CA ASN A 261 3.49 10.53 -46.37
C ASN A 261 2.09 10.95 -45.88
N LYS A 262 1.07 10.64 -46.67
CA LYS A 262 -0.30 10.96 -46.31
C LYS A 262 -0.91 9.83 -45.49
N TRP A 263 -1.58 10.20 -44.41
CA TRP A 263 -2.47 9.29 -43.71
C TRP A 263 -3.88 9.62 -44.17
N THR A 264 -4.63 8.58 -44.53
CA THR A 264 -5.96 8.72 -45.09
C THR A 264 -6.94 7.93 -44.23
N PRO A 265 -8.04 8.58 -43.78
CA PRO A 265 -9.02 7.91 -42.93
C PRO A 265 -9.86 6.89 -43.69
N ASP A 266 -10.26 5.81 -43.01
CA ASP A 266 -11.15 4.82 -43.60
C ASP A 266 -12.54 5.42 -43.82
N ASN A 267 -12.92 6.33 -42.93
CA ASN A 267 -14.23 7.00 -42.94
C ASN A 267 -14.04 8.47 -42.59
N PRO A 268 -14.06 9.36 -43.62
CA PRO A 268 -13.87 10.81 -43.48
C PRO A 268 -14.81 11.48 -42.46
N GLU A 269 -16.00 10.92 -42.30
CA GLU A 269 -17.00 11.44 -41.37
C GLU A 269 -16.66 11.12 -39.92
N GLU A 270 -15.63 10.30 -39.72
CA GLU A 270 -15.16 9.95 -38.37
C GLU A 270 -13.66 10.19 -38.26
N ASP A 271 -13.22 11.29 -38.89
CA ASP A 271 -11.81 11.67 -38.92
C ASP A 271 -11.31 12.12 -37.53
N VAL A 272 -10.02 12.43 -37.44
CA VAL A 272 -9.38 12.77 -36.17
C VAL A 272 -9.98 14.05 -35.59
N GLY A 273 -10.60 13.93 -34.43
CA GLY A 273 -11.22 15.06 -33.74
C GLY A 273 -12.73 15.12 -33.85
N ILE A 274 -13.29 14.53 -34.90
CA ILE A 274 -14.75 14.55 -35.09
C ILE A 274 -15.38 13.15 -35.06
N GLY A 275 -14.70 12.19 -34.43
CA GLY A 275 -15.16 10.81 -34.40
C GLY A 275 -15.08 10.19 -33.03
N LEU A 276 -14.43 9.03 -32.96
CA LEU A 276 -14.36 8.22 -31.75
C LEU A 276 -13.24 8.66 -30.81
N ARG A 277 -13.36 8.27 -29.55
CA ARG A 277 -12.31 8.48 -28.56
C ARG A 277 -11.88 7.14 -27.97
N TYR A 278 -10.64 7.09 -27.48
CA TYR A 278 -10.18 5.98 -26.67
C TYR A 278 -11.11 5.77 -25.48
N ASP A 279 -11.49 6.90 -24.86
CA ASP A 279 -12.23 6.90 -23.61
C ASP A 279 -13.18 8.09 -23.60
N TRP A 280 -14.42 7.86 -23.18
CA TRP A 280 -15.46 8.89 -23.22
C TRP A 280 -15.55 9.72 -21.94
N GLY A 281 -14.64 9.46 -21.00
CA GLY A 281 -14.56 10.20 -19.75
C GLY A 281 -13.34 11.10 -19.70
N LYS A 282 -12.74 11.22 -18.51
CA LYS A 282 -11.56 12.06 -18.29
C LYS A 282 -10.29 11.26 -18.58
N TYR A 283 -9.62 11.61 -19.68
CA TYR A 283 -8.61 10.76 -20.28
C TYR A 283 -7.93 11.63 -21.32
N TYR A 284 -6.67 11.98 -21.08
CA TYR A 284 -5.98 12.93 -21.94
C TYR A 284 -4.50 12.61 -22.17
N ALA A 285 -3.95 13.21 -23.23
CA ALA A 285 -2.54 13.09 -23.62
C ALA A 285 -2.05 11.64 -23.73
N SER A 286 -2.91 10.77 -24.24
CA SER A 286 -2.59 9.34 -24.35
C SER A 286 -1.44 9.09 -25.32
N LYS A 287 -0.53 8.20 -24.90
CA LYS A 287 0.64 7.82 -25.68
C LYS A 287 0.77 6.32 -25.73
N THR A 288 1.16 5.79 -26.89
CA THR A 288 1.37 4.37 -27.03
C THR A 288 2.84 4.04 -27.22
N PHE A 289 3.23 2.86 -26.76
CA PHE A 289 4.55 2.32 -27.05
C PHE A 289 4.40 0.85 -27.40
N TYR A 290 5.35 0.32 -28.17
CA TYR A 290 5.35 -1.10 -28.47
C TYR A 290 6.03 -1.87 -27.34
N ASP A 291 5.36 -2.89 -26.83
CA ASP A 291 5.94 -3.80 -25.84
C ASP A 291 6.50 -5.05 -26.53
N PRO A 292 7.84 -5.20 -26.56
CA PRO A 292 8.50 -6.32 -27.21
C PRO A 292 8.37 -7.64 -26.47
N LYS A 293 8.32 -7.60 -25.15
CA LYS A 293 8.27 -8.84 -24.36
C LYS A 293 7.00 -9.65 -24.59
N LYS A 294 5.84 -9.02 -24.49
CA LYS A 294 4.56 -9.70 -24.73
C LYS A 294 3.91 -9.35 -26.09
N GLN A 295 4.65 -8.59 -26.90
CA GLN A 295 4.22 -8.18 -28.25
C GLN A 295 2.86 -7.47 -28.29
N ARG A 296 2.74 -6.44 -27.47
CA ARG A 296 1.52 -5.65 -27.36
C ARG A 296 1.83 -4.22 -27.73
N ARG A 297 0.78 -3.48 -28.12
CA ARG A 297 0.84 -2.03 -28.08
C ARG A 297 0.05 -1.57 -26.88
N VAL A 298 0.72 -0.83 -26.00
CA VAL A 298 0.12 -0.41 -24.73
C VAL A 298 -0.09 1.10 -24.70
N VAL A 299 -1.24 1.53 -24.18
CA VAL A 299 -1.59 2.94 -24.14
C VAL A 299 -1.63 3.53 -22.72
N TRP A 300 -0.89 4.63 -22.54
CA TRP A 300 -0.84 5.39 -21.30
C TRP A 300 -1.67 6.66 -21.44
N ALA A 301 -2.38 7.02 -20.38
CA ALA A 301 -3.17 8.26 -20.35
C ALA A 301 -3.49 8.68 -18.93
N TRP A 302 -3.45 9.98 -18.67
CA TRP A 302 -3.71 10.49 -17.33
C TRP A 302 -5.14 10.97 -17.17
N THR A 303 -5.65 10.82 -15.95
CA THR A 303 -6.96 11.32 -15.58
C THR A 303 -6.79 12.44 -14.57
N LYS A 304 -7.29 13.62 -14.92
CA LYS A 304 -7.21 14.80 -14.06
C LYS A 304 -8.15 14.65 -12.87
N GLU A 305 -7.84 15.35 -11.78
CA GLU A 305 -8.78 15.51 -10.68
C GLU A 305 -10.04 16.18 -11.20
N LEU A 306 -11.18 15.79 -10.63
CA LEU A 306 -12.45 16.43 -10.96
C LEU A 306 -13.05 17.12 -9.73
N ASP A 307 -12.22 17.30 -8.70
CA ASP A 307 -12.63 18.06 -7.52
C ASP A 307 -12.06 19.48 -7.62
N SER A 308 -12.13 20.24 -6.54
CA SER A 308 -11.64 21.61 -6.55
C SER A 308 -10.14 21.67 -6.33
N GLU A 309 -9.52 22.74 -6.82
CA GLU A 309 -8.11 23.00 -6.62
C GLU A 309 -7.82 23.26 -5.13
N VAL A 310 -8.81 23.81 -4.43
CA VAL A 310 -8.71 24.01 -2.97
C VAL A 310 -8.45 22.68 -2.26
N ALA A 311 -9.16 21.64 -2.69
CA ALA A 311 -9.00 20.32 -2.10
C ALA A 311 -7.68 19.67 -2.51
N ASP A 312 -7.28 19.89 -3.76
CA ASP A 312 -6.01 19.42 -4.28
C ASP A 312 -4.85 19.95 -3.43
N ARG A 313 -4.88 21.24 -3.14
CA ARG A 313 -3.86 21.89 -2.33
C ARG A 313 -3.88 21.37 -0.90
N GLU A 314 -5.09 21.16 -0.39
CA GLU A 314 -5.30 20.59 0.95
C GLU A 314 -4.70 19.19 1.06
N LYS A 315 -4.94 18.35 0.05
CA LYS A 315 -4.44 16.97 0.07
C LYS A 315 -2.99 16.81 -0.42
N GLY A 316 -2.49 17.83 -1.11
CA GLY A 316 -1.07 17.92 -1.47
C GLY A 316 -0.65 17.24 -2.77
N TRP A 317 -1.61 16.62 -3.46
CA TRP A 317 -1.35 15.86 -4.69
C TRP A 317 -2.53 16.00 -5.65
N ALA A 318 -2.29 15.74 -6.93
CA ALA A 318 -3.31 15.89 -7.98
C ALA A 318 -3.07 14.97 -9.18
N ASN A 319 -4.15 14.38 -9.68
CA ASN A 319 -4.14 13.53 -10.88
C ASN A 319 -3.49 12.16 -10.71
N VAL A 320 -4.01 11.19 -11.47
CA VAL A 320 -3.44 9.83 -11.54
C VAL A 320 -3.31 9.38 -13.01
N GLN A 321 -2.54 8.32 -13.26
CA GLN A 321 -2.54 7.64 -14.56
C GLN A 321 -3.55 6.50 -14.48
N THR A 322 -4.17 6.16 -15.61
CA THR A 322 -5.04 4.99 -15.66
C THR A 322 -4.17 3.74 -15.72
N ILE A 323 -4.75 2.59 -15.43
CA ILE A 323 -4.07 1.31 -15.68
C ILE A 323 -3.81 1.26 -17.18
N PRO A 324 -2.54 1.01 -17.58
CA PRO A 324 -2.22 1.01 -19.01
C PRO A 324 -3.04 -0.05 -19.73
N ARG A 325 -3.42 0.24 -20.97
CA ARG A 325 -4.29 -0.65 -21.74
C ARG A 325 -3.61 -1.14 -23.00
N THR A 326 -4.00 -2.33 -23.46
CA THR A 326 -3.57 -2.80 -24.79
C THR A 326 -4.44 -2.12 -25.83
N VAL A 327 -3.88 -1.90 -27.01
CA VAL A 327 -4.64 -1.43 -28.17
C VAL A 327 -4.60 -2.51 -29.26
N LEU A 328 -5.79 -2.92 -29.70
CA LEU A 328 -5.90 -3.84 -30.81
C LEU A 328 -7.08 -3.43 -31.65
N LEU A 329 -7.01 -3.75 -32.95
CA LEU A 329 -8.12 -3.47 -33.85
C LEU A 329 -9.28 -4.43 -33.56
N ASP A 330 -10.47 -3.86 -33.42
CA ASP A 330 -11.67 -4.66 -33.30
C ASP A 330 -11.98 -5.32 -34.65
N GLN A 331 -11.62 -6.59 -34.77
CA GLN A 331 -11.74 -7.31 -36.04
C GLN A 331 -13.18 -7.62 -36.41
N LYS A 332 -14.06 -7.57 -35.42
CA LYS A 332 -15.46 -7.89 -35.63
C LYS A 332 -16.26 -6.74 -36.21
N THR A 333 -15.75 -5.51 -36.06
CA THR A 333 -16.36 -4.32 -36.66
C THR A 333 -15.45 -3.70 -37.72
N GLY A 334 -14.15 -3.67 -37.44
CA GLY A 334 -13.17 -3.08 -38.34
C GLY A 334 -13.11 -1.57 -38.25
N THR A 335 -13.93 -0.99 -37.36
CA THR A 335 -14.10 0.47 -37.31
C THR A 335 -13.82 1.08 -35.94
N ASN A 336 -13.40 0.25 -34.99
CA ASN A 336 -12.93 0.74 -33.70
C ASN A 336 -11.75 -0.06 -33.15
N VAL A 337 -11.09 0.49 -32.14
CA VAL A 337 -10.05 -0.24 -31.42
C VAL A 337 -10.64 -0.94 -30.20
N LEU A 338 -9.90 -1.88 -29.65
CA LEU A 338 -10.24 -2.49 -28.39
C LEU A 338 -9.19 -2.11 -27.35
N LEU A 339 -9.64 -1.40 -26.31
CA LEU A 339 -8.79 -1.06 -25.17
C LEU A 339 -9.18 -1.93 -23.97
N TRP A 340 -8.18 -2.53 -23.35
CA TRP A 340 -8.38 -3.45 -22.24
C TRP A 340 -7.18 -3.34 -21.30
N PRO A 341 -7.43 -3.33 -19.97
CA PRO A 341 -6.32 -3.22 -19.01
C PRO A 341 -5.28 -4.31 -19.22
N VAL A 342 -4.00 -3.95 -19.10
CA VAL A 342 -2.94 -4.95 -19.26
C VAL A 342 -3.16 -6.11 -18.29
N GLU A 343 -2.94 -7.32 -18.78
CA GLU A 343 -3.29 -8.54 -18.04
C GLU A 343 -2.64 -8.60 -16.64
N GLU A 344 -1.56 -7.86 -16.45
CA GLU A 344 -0.84 -7.86 -15.17
C GLU A 344 -1.64 -7.23 -14.04
N VAL A 345 -2.69 -6.48 -14.38
CA VAL A 345 -3.59 -5.93 -13.36
C VAL A 345 -4.22 -7.07 -12.55
N GLU A 346 -4.35 -8.23 -13.19
CA GLU A 346 -4.96 -9.41 -12.56
C GLU A 346 -4.11 -10.01 -11.45
N SER A 347 -2.82 -9.66 -11.42
CA SER A 347 -1.94 -10.10 -10.34
C SER A 347 -2.22 -9.37 -9.03
N LEU A 348 -3.07 -8.36 -9.09
CA LEU A 348 -3.49 -7.61 -7.90
C LEU A 348 -4.70 -8.25 -7.22
N ARG A 349 -5.37 -9.16 -7.92
CA ARG A 349 -6.57 -9.85 -7.42
C ARG A 349 -6.24 -10.76 -6.23
N LEU A 350 -6.95 -10.55 -5.13
CA LEU A 350 -6.72 -11.33 -3.91
C LEU A 350 -7.66 -12.52 -3.79
N SER A 351 -8.96 -12.25 -3.81
CA SER A 351 -10.00 -13.28 -3.72
C SER A 351 -11.20 -12.89 -4.57
N SER A 352 -11.98 -13.88 -4.99
CA SER A 352 -13.16 -13.64 -5.83
C SER A 352 -14.46 -14.01 -5.15
N LYS A 353 -15.53 -13.31 -5.51
CA LYS A 353 -16.88 -13.70 -5.17
C LYS A 353 -17.74 -13.69 -6.42
N GLU A 354 -18.54 -14.75 -6.60
CA GLU A 354 -19.40 -14.89 -7.76
C GLU A 354 -20.87 -14.64 -7.44
N PHE A 355 -21.57 -13.97 -8.36
CA PHE A 355 -23.02 -13.76 -8.27
C PHE A 355 -23.69 -14.32 -9.52
N SER A 356 -24.24 -15.52 -9.39
CA SER A 356 -24.77 -16.27 -10.52
C SER A 356 -26.26 -15.99 -10.81
N LYS A 357 -26.52 -15.46 -11.99
CA LYS A 357 -27.89 -15.25 -12.50
C LYS A 357 -28.80 -14.48 -11.55
N VAL A 358 -28.32 -13.32 -11.11
CA VAL A 358 -29.07 -12.42 -10.22
C VAL A 358 -30.11 -11.64 -11.00
N LYS A 359 -31.36 -11.72 -10.55
CA LYS A 359 -32.48 -11.05 -11.20
C LYS A 359 -32.72 -9.66 -10.63
N ALA A 360 -32.97 -8.70 -11.53
CA ALA A 360 -33.33 -7.34 -11.13
C ALA A 360 -34.51 -6.85 -11.94
N GLY A 361 -35.67 -6.76 -11.28
CA GLY A 361 -36.89 -6.30 -11.92
C GLY A 361 -36.91 -4.83 -12.26
N ALA A 362 -37.99 -4.39 -12.91
CA ALA A 362 -38.18 -2.98 -13.25
C ALA A 362 -38.13 -2.10 -12.01
N GLY A 363 -37.37 -1.01 -12.09
CA GLY A 363 -37.25 -0.04 -11.01
C GLY A 363 -36.72 -0.59 -9.69
N SER A 364 -35.84 -1.59 -9.76
CA SER A 364 -35.31 -2.21 -8.55
C SER A 364 -33.81 -2.01 -8.36
N VAL A 365 -33.36 -2.31 -7.13
CA VAL A 365 -31.98 -2.12 -6.71
C VAL A 365 -31.60 -3.36 -5.87
N VAL A 366 -30.56 -4.08 -6.29
CA VAL A 366 -30.16 -5.31 -5.61
C VAL A 366 -28.74 -5.19 -5.03
N PRO A 367 -28.62 -5.26 -3.69
CA PRO A 367 -27.30 -5.15 -3.05
C PRO A 367 -26.41 -6.37 -3.29
N LEU A 368 -25.13 -6.13 -3.55
CA LEU A 368 -24.16 -7.20 -3.73
C LEU A 368 -23.11 -7.14 -2.63
N ASP A 369 -23.30 -7.97 -1.61
CA ASP A 369 -22.39 -8.02 -0.47
C ASP A 369 -21.03 -8.55 -0.91
N VAL A 370 -20.04 -7.65 -0.97
CA VAL A 370 -18.67 -8.01 -1.33
C VAL A 370 -17.69 -7.59 -0.22
N GLY A 371 -18.22 -7.02 0.86
CA GLY A 371 -17.40 -6.46 1.91
C GLY A 371 -17.09 -5.01 1.56
N THR A 372 -15.80 -4.68 1.57
CA THR A 372 -15.33 -3.36 1.18
C THR A 372 -15.39 -3.23 -0.34
N ALA A 373 -15.94 -2.13 -0.83
CA ALA A 373 -16.16 -1.94 -2.26
C ALA A 373 -15.40 -0.74 -2.83
N THR A 374 -14.10 -0.68 -2.55
CA THR A 374 -13.27 0.45 -2.96
C THR A 374 -12.02 0.04 -3.74
N GLN A 375 -11.68 -1.25 -3.67
CA GLN A 375 -10.55 -1.79 -4.42
C GLN A 375 -11.03 -3.06 -5.12
N LEU A 376 -11.72 -2.89 -6.24
CA LEU A 376 -12.43 -3.99 -6.90
C LEU A 376 -12.11 -4.13 -8.38
N ASP A 377 -12.10 -5.39 -8.83
CA ASP A 377 -12.14 -5.69 -10.26
C ASP A 377 -13.44 -6.47 -10.52
N ILE A 378 -14.37 -5.83 -11.25
CA ILE A 378 -15.70 -6.40 -11.49
C ILE A 378 -15.87 -6.79 -12.96
N ILE A 379 -16.28 -8.03 -13.20
CA ILE A 379 -16.68 -8.47 -14.54
C ILE A 379 -18.13 -8.94 -14.53
N ALA A 380 -18.97 -8.27 -15.32
CA ALA A 380 -20.41 -8.53 -15.34
C ALA A 380 -20.97 -8.75 -16.74
N GLU A 381 -21.96 -9.64 -16.83
CA GLU A 381 -22.73 -9.84 -18.06
C GLU A 381 -24.21 -9.59 -17.77
N PHE A 382 -24.88 -8.95 -18.71
CA PHE A 382 -26.29 -8.57 -18.52
C PHE A 382 -27.15 -9.16 -19.64
N GLU A 383 -28.33 -9.65 -19.27
CA GLU A 383 -29.33 -10.09 -20.24
C GLU A 383 -30.69 -9.49 -19.94
N ILE A 384 -31.43 -9.16 -20.99
CA ILE A 384 -32.80 -8.70 -20.86
C ILE A 384 -33.77 -9.89 -20.99
N ASP A 385 -34.61 -10.07 -19.98
CA ASP A 385 -35.58 -11.18 -19.94
C ASP A 385 -36.78 -10.93 -20.86
N LYS A 386 -37.50 -12.00 -21.21
CA LYS A 386 -38.63 -11.92 -22.14
C LYS A 386 -39.69 -10.89 -21.71
N GLY A 398 -33.43 12.49 -29.63
CA GLY A 398 -32.66 11.26 -29.51
C GLY A 398 -31.88 11.19 -28.20
N TYR A 399 -31.73 9.98 -27.66
CA TYR A 399 -30.99 9.76 -26.42
C TYR A 399 -29.51 10.07 -26.59
N ASN A 400 -28.90 10.57 -25.52
CA ASN A 400 -27.51 11.04 -25.51
C ASN A 400 -27.08 11.09 -24.05
N CYS A 401 -26.08 10.29 -23.67
CA CYS A 401 -25.65 10.20 -22.27
C CYS A 401 -25.43 11.59 -21.68
N THR A 402 -24.69 12.42 -22.43
CA THR A 402 -24.28 13.75 -21.99
C THR A 402 -25.44 14.65 -21.56
N THR A 403 -26.57 14.55 -22.26
CA THR A 403 -27.77 15.37 -21.97
C THR A 403 -28.89 14.57 -21.30
N SER A 404 -28.60 13.34 -20.89
CA SER A 404 -29.59 12.52 -20.21
C SER A 404 -29.66 12.87 -18.73
N GLY A 405 -30.70 12.39 -18.05
CA GLY A 405 -30.84 12.56 -16.61
C GLY A 405 -30.13 11.46 -15.83
N GLY A 406 -29.27 10.71 -16.51
CA GLY A 406 -28.52 9.63 -15.88
C GLY A 406 -29.39 8.43 -15.59
N ALA A 407 -29.16 7.80 -14.45
CA ALA A 407 -29.91 6.61 -14.03
C ALA A 407 -31.34 6.95 -13.60
N ALA A 408 -31.59 8.23 -13.38
CA ALA A 408 -32.92 8.73 -13.03
C ALA A 408 -33.86 8.73 -14.25
N GLU A 409 -33.30 8.98 -15.44
CA GLU A 409 -34.10 8.99 -16.67
C GLU A 409 -34.46 7.58 -17.11
N ARG A 410 -35.68 7.17 -16.77
CA ARG A 410 -36.14 5.82 -17.03
C ARG A 410 -36.68 5.66 -18.46
N GLY A 411 -36.24 4.60 -19.13
CA GLY A 411 -36.74 4.24 -20.45
C GLY A 411 -37.29 2.82 -20.47
N VAL A 412 -37.76 2.37 -21.62
CA VAL A 412 -38.36 1.04 -21.74
C VAL A 412 -37.31 -0.06 -21.54
N LEU A 413 -36.15 0.12 -22.19
CA LEU A 413 -35.06 -0.86 -22.12
C LEU A 413 -33.80 -0.27 -21.52
N GLY A 414 -33.95 0.42 -20.39
CA GLY A 414 -32.83 1.06 -19.70
C GLY A 414 -33.31 2.14 -18.74
N PRO A 415 -32.43 2.60 -17.84
CA PRO A 415 -31.05 2.17 -17.69
C PRO A 415 -30.86 1.03 -16.70
N PHE A 416 -29.90 0.17 -16.98
CA PHE A 416 -29.53 -0.91 -16.06
C PHE A 416 -28.02 -1.11 -16.03
N GLY A 417 -27.52 -1.57 -14.89
CA GLY A 417 -26.10 -1.80 -14.72
C GLY A 417 -25.76 -1.82 -13.24
N LEU A 418 -24.67 -1.15 -12.89
CA LEU A 418 -24.16 -1.20 -11.53
C LEU A 418 -24.14 0.15 -10.83
N LEU A 419 -24.15 0.11 -9.50
CA LEU A 419 -23.94 1.31 -8.69
C LEU A 419 -22.67 1.12 -7.86
N VAL A 420 -21.60 1.81 -8.25
CA VAL A 420 -20.35 1.78 -7.50
C VAL A 420 -20.28 3.01 -6.59
N SER A 421 -19.33 3.00 -5.65
CA SER A 421 -19.18 4.07 -4.67
C SER A 421 -20.52 4.57 -4.15
N ALA A 422 -21.35 3.63 -3.72
CA ALA A 422 -22.68 3.93 -3.23
C ALA A 422 -22.76 3.79 -1.72
N THR A 423 -23.73 4.49 -1.15
CA THR A 423 -23.95 4.49 0.27
C THR A 423 -25.10 3.50 0.58
N GLU A 424 -25.22 3.02 1.82
CA GLU A 424 -26.30 2.10 2.21
C GLU A 424 -27.68 2.56 1.69
N ASN A 425 -28.03 3.81 1.98
CA ASN A 425 -29.34 4.37 1.64
C ASN A 425 -29.37 5.14 0.32
N LEU A 426 -28.39 4.84 -0.55
CA LEU A 426 -28.30 5.42 -1.89
C LEU A 426 -28.20 6.96 -1.96
N SER A 427 -27.90 7.61 -0.83
CA SER A 427 -27.72 9.06 -0.78
C SER A 427 -26.54 9.55 -1.65
N GLU A 428 -25.51 8.71 -1.78
CA GLU A 428 -24.44 8.91 -2.75
C GLU A 428 -24.32 7.67 -3.63
N GLN A 429 -24.16 7.86 -4.94
CA GLN A 429 -24.06 6.73 -5.87
C GLN A 429 -23.38 7.11 -7.18
N THR A 430 -22.70 6.14 -7.79
CA THR A 430 -22.13 6.33 -9.12
C THR A 430 -22.56 5.19 -10.04
N PRO A 431 -23.65 5.40 -10.80
CA PRO A 431 -24.12 4.42 -11.79
C PRO A 431 -23.19 4.28 -13.01
N VAL A 432 -22.86 3.04 -13.34
CA VAL A 432 -22.30 2.71 -14.65
C VAL A 432 -23.32 1.80 -15.32
N TYR A 433 -23.87 2.24 -16.45
CA TYR A 433 -25.07 1.59 -16.98
C TYR A 433 -25.19 1.43 -18.50
N PHE A 434 -26.04 0.49 -18.91
CA PHE A 434 -26.44 0.34 -20.31
C PHE A 434 -27.81 0.99 -20.54
N TYR A 435 -28.03 1.46 -21.76
CA TYR A 435 -29.32 2.02 -22.15
C TYR A 435 -29.61 1.68 -23.61
N ILE A 436 -30.69 0.94 -23.84
CA ILE A 436 -31.08 0.57 -25.20
C ILE A 436 -32.19 1.46 -25.71
N ALA A 437 -31.91 2.21 -26.78
CA ALA A 437 -32.92 3.10 -27.38
C ALA A 437 -33.16 2.81 -28.87
N LYS A 438 -34.31 3.26 -29.36
CA LYS A 438 -34.66 3.12 -30.78
C LYS A 438 -34.15 4.31 -31.58
N ASN A 443 -34.13 -0.02 -35.43
CA ASN A 443 -32.87 -0.54 -34.92
C ASN A 443 -32.48 -0.03 -33.53
N PHE A 444 -31.69 -0.82 -32.82
CA PHE A 444 -31.28 -0.48 -31.45
C PHE A 444 -29.92 0.18 -31.37
N LYS A 445 -29.87 1.32 -30.68
CA LYS A 445 -28.61 1.93 -30.29
C LYS A 445 -28.38 1.62 -28.80
N THR A 446 -27.26 0.96 -28.53
CA THR A 446 -26.88 0.68 -27.16
C THR A 446 -25.96 1.78 -26.66
N PHE A 447 -26.35 2.43 -25.56
CA PHE A 447 -25.53 3.43 -24.92
C PHE A 447 -24.85 2.86 -23.67
N PHE A 448 -23.63 3.34 -23.43
CA PHE A 448 -22.87 3.01 -22.24
C PHE A 448 -22.53 4.34 -21.60
N CYS A 449 -23.03 4.58 -20.39
CA CYS A 449 -22.78 5.84 -19.69
C CYS A 449 -22.24 5.64 -18.27
N LEU A 450 -21.61 6.69 -17.75
CA LEU A 450 -21.25 6.79 -16.34
C LEU A 450 -21.84 8.08 -15.80
N ASP A 451 -22.56 7.98 -14.69
CA ASP A 451 -23.34 9.09 -14.15
C ASP A 451 -22.73 9.63 -12.84
N GLU A 452 -22.24 10.87 -12.89
CA GLU A 452 -21.57 11.51 -11.73
C GLU A 452 -22.52 12.37 -10.88
N SER A 453 -23.75 12.56 -11.36
CA SER A 453 -24.64 13.60 -10.81
C SER A 453 -24.99 13.46 -9.32
N ARG A 454 -24.82 12.26 -8.79
CA ARG A 454 -25.05 12.01 -7.37
C ARG A 454 -23.92 11.24 -6.69
N SER A 455 -22.74 11.30 -7.29
CA SER A 455 -21.52 10.65 -6.76
C SER A 455 -21.19 11.09 -5.34
N SER A 456 -21.42 12.38 -5.07
CA SER A 456 -21.00 13.01 -3.83
C SER A 456 -22.01 14.06 -3.38
N LYS A 457 -22.14 14.22 -2.07
CA LYS A 457 -22.98 15.27 -1.50
C LYS A 457 -22.31 16.64 -1.63
N ALA A 458 -21.00 16.64 -1.87
CA ALA A 458 -20.24 17.87 -2.08
C ALA A 458 -20.63 18.51 -3.41
N SER A 459 -20.68 19.83 -3.42
CA SER A 459 -21.09 20.57 -4.62
C SER A 459 -19.90 21.10 -5.43
N ASP A 460 -18.69 20.98 -4.89
CA ASP A 460 -17.50 21.47 -5.58
C ASP A 460 -16.75 20.37 -6.34
N VAL A 461 -17.53 19.46 -6.94
CA VAL A 461 -17.00 18.39 -7.78
C VAL A 461 -17.78 18.30 -9.09
N SER A 462 -17.29 17.51 -10.02
CA SER A 462 -17.94 17.31 -11.32
C SER A 462 -19.20 16.46 -11.16
N LYS A 463 -20.26 16.85 -11.86
CA LYS A 463 -21.57 16.18 -11.77
C LYS A 463 -22.12 15.79 -13.14
N GLN A 464 -21.24 15.70 -14.14
CA GLN A 464 -21.67 15.45 -15.52
C GLN A 464 -22.00 13.97 -15.77
N VAL A 465 -22.73 13.71 -16.85
CA VAL A 465 -22.98 12.34 -17.28
C VAL A 465 -22.16 12.09 -18.54
N LYS A 466 -21.36 11.04 -18.53
CA LYS A 466 -20.41 10.77 -19.59
C LYS A 466 -20.76 9.47 -20.30
N GLY A 467 -20.46 9.36 -21.59
CA GLY A 467 -20.73 8.14 -22.36
C GLY A 467 -20.98 8.33 -23.84
N PHE A 468 -21.31 7.23 -24.52
CA PHE A 468 -21.49 7.21 -25.97
C PHE A 468 -22.22 5.91 -26.35
N THR A 469 -22.46 5.71 -27.63
CA THR A 469 -22.93 4.42 -28.12
C THR A 469 -21.79 3.41 -28.09
N VAL A 470 -22.16 2.14 -27.99
CA VAL A 470 -21.20 1.04 -28.05
C VAL A 470 -21.78 -0.01 -28.99
N PRO A 471 -20.96 -0.56 -29.91
CA PRO A 471 -21.50 -1.58 -30.80
C PRO A 471 -21.78 -2.88 -30.07
N VAL A 472 -22.95 -3.45 -30.30
CA VAL A 472 -23.34 -4.72 -29.71
C VAL A 472 -23.80 -5.64 -30.84
N LEU A 473 -23.10 -6.75 -31.02
CA LEU A 473 -23.33 -7.64 -32.14
C LEU A 473 -24.21 -8.82 -31.75
N ASP A 474 -24.98 -9.34 -32.72
CA ASP A 474 -25.88 -10.47 -32.51
C ASP A 474 -25.16 -11.60 -31.78
N GLY A 475 -25.77 -12.10 -30.71
CA GLY A 475 -25.23 -13.24 -29.97
C GLY A 475 -24.40 -12.85 -28.75
N GLU A 476 -24.06 -11.57 -28.63
CA GLU A 476 -23.28 -11.09 -27.49
C GLU A 476 -24.19 -10.68 -26.34
N LYS A 477 -23.79 -11.02 -25.13
CA LYS A 477 -24.42 -10.47 -23.94
C LYS A 477 -23.90 -9.04 -23.75
N PHE A 478 -24.63 -8.22 -23.02
CA PHE A 478 -24.12 -6.92 -22.61
C PHE A 478 -23.11 -7.16 -21.49
N THR A 479 -21.85 -6.83 -21.75
CA THR A 479 -20.81 -7.06 -20.74
C THR A 479 -20.18 -5.76 -20.31
N MET A 480 -19.79 -5.69 -19.04
CA MET A 480 -18.98 -4.57 -18.57
C MET A 480 -17.89 -5.01 -17.58
N ARG A 481 -16.74 -4.35 -17.67
CA ARG A 481 -15.69 -4.49 -16.67
C ARG A 481 -15.50 -3.17 -15.96
N LEU A 482 -15.36 -3.23 -14.64
CA LEU A 482 -15.14 -2.06 -13.82
C LEU A 482 -13.90 -2.22 -12.94
N LEU A 483 -13.01 -1.24 -12.98
CA LEU A 483 -11.92 -1.16 -12.02
C LEU A 483 -12.20 -0.05 -11.01
N VAL A 484 -12.56 -0.44 -9.78
CA VAL A 484 -12.79 0.51 -8.71
C VAL A 484 -11.52 0.63 -7.86
N ASP A 485 -10.96 1.83 -7.81
CA ASP A 485 -9.79 2.09 -6.97
C ASP A 485 -9.91 3.45 -6.30
N HIS A 486 -10.58 3.47 -5.14
CA HIS A 486 -10.80 4.70 -4.39
C HIS A 486 -11.42 5.80 -5.27
N SER A 487 -10.69 6.90 -5.47
CA SER A 487 -11.24 8.05 -6.20
C SER A 487 -11.24 7.93 -7.73
N ILE A 488 -10.97 6.73 -8.25
CA ILE A 488 -10.97 6.53 -9.71
C ILE A 488 -11.67 5.25 -10.18
N VAL A 489 -12.60 5.41 -11.11
CA VAL A 489 -13.33 4.30 -11.71
C VAL A 489 -13.01 4.23 -13.21
N GLU A 490 -12.68 3.03 -13.68
CA GLU A 490 -12.47 2.78 -15.11
C GLU A 490 -13.48 1.75 -15.58
N SER A 491 -14.24 2.07 -16.63
CA SER A 491 -15.28 1.17 -17.11
C SER A 491 -15.05 0.73 -18.56
N PHE A 492 -15.42 -0.52 -18.86
CA PHE A 492 -15.18 -1.11 -20.17
C PHE A 492 -16.44 -1.85 -20.66
N ALA A 493 -16.94 -1.48 -21.83
CA ALA A 493 -18.11 -2.15 -22.39
C ALA A 493 -17.73 -3.01 -23.60
N GLN A 494 -18.38 -4.18 -23.70
CA GLN A 494 -18.21 -5.11 -24.81
C GLN A 494 -16.75 -5.46 -25.11
N GLY A 495 -15.99 -5.76 -24.07
CA GLY A 495 -14.59 -6.14 -24.23
C GLY A 495 -13.69 -4.99 -24.64
N GLY A 496 -14.16 -3.77 -24.40
CA GLY A 496 -13.35 -2.57 -24.62
C GLY A 496 -13.63 -1.81 -25.89
N ARG A 497 -14.83 -1.99 -26.45
CA ARG A 497 -15.26 -1.22 -27.62
C ARG A 497 -15.52 0.23 -27.22
N SER A 498 -15.90 0.42 -25.97
CA SER A 498 -16.13 1.74 -25.43
C SER A 498 -15.69 1.81 -23.96
N CYS A 499 -14.87 2.80 -23.62
CA CYS A 499 -14.37 2.96 -22.25
C CYS A 499 -14.81 4.29 -21.66
N ILE A 500 -15.04 4.32 -20.36
CA ILE A 500 -15.34 5.56 -19.63
C ILE A 500 -14.58 5.59 -18.30
N THR A 501 -13.67 6.56 -18.19
CA THR A 501 -12.89 6.77 -16.98
C THR A 501 -13.37 8.05 -16.32
N SER A 502 -13.57 8.01 -15.02
CA SER A 502 -13.95 9.19 -14.26
C SER A 502 -13.40 9.16 -12.85
N ARG A 503 -13.52 10.28 -12.15
CA ARG A 503 -13.13 10.36 -10.76
C ARG A 503 -14.34 10.56 -9.87
N VAL A 504 -14.33 9.93 -8.70
CA VAL A 504 -15.40 10.14 -7.70
C VAL A 504 -14.82 10.67 -6.40
N TYR A 505 -15.58 11.55 -5.74
CA TYR A 505 -15.15 12.15 -4.48
C TYR A 505 -16.28 12.15 -3.45
N PRO A 506 -16.78 10.96 -3.06
CA PRO A 506 -17.90 10.91 -2.12
C PRO A 506 -17.52 11.36 -0.70
N THR A 507 -18.51 11.81 0.05
CA THR A 507 -18.30 12.32 1.40
C THR A 507 -18.70 11.29 2.45
N GLU A 508 -19.59 10.37 2.06
CA GLU A 508 -20.09 9.34 2.98
C GLU A 508 -19.78 7.93 2.50
N ALA A 509 -19.78 7.74 1.17
CA ALA A 509 -19.53 6.43 0.57
C ALA A 509 -18.04 6.11 0.51
N ILE A 510 -17.38 6.18 1.66
CA ILE A 510 -15.95 5.97 1.78
C ILE A 510 -15.63 4.93 2.86
N TYR A 511 -14.42 4.37 2.81
CA TYR A 511 -13.97 3.29 3.68
C TYR A 511 -14.96 2.12 3.70
N GLY A 512 -15.38 1.67 4.89
CA GLY A 512 -16.31 0.54 5.01
C GLY A 512 -17.73 0.84 4.53
N ALA A 513 -18.04 2.13 4.37
CA ALA A 513 -19.39 2.59 4.07
C ALA A 513 -19.75 2.54 2.57
N ALA A 514 -18.75 2.32 1.72
CA ALA A 514 -18.97 2.20 0.28
C ALA A 514 -19.54 0.84 -0.09
N LYS A 515 -20.64 0.86 -0.84
CA LYS A 515 -21.36 -0.36 -1.20
C LYS A 515 -21.41 -0.57 -2.71
N LEU A 516 -21.76 -1.78 -3.12
CA LEU A 516 -21.97 -2.09 -4.54
C LEU A 516 -23.40 -2.57 -4.76
N PHE A 517 -24.02 -2.09 -5.83
CA PHE A 517 -25.39 -2.49 -6.16
C PHE A 517 -25.55 -2.85 -7.63
N LEU A 518 -26.35 -3.89 -7.87
CA LEU A 518 -26.90 -4.16 -9.19
C LEU A 518 -28.20 -3.39 -9.26
N PHE A 519 -28.43 -2.65 -10.35
CA PHE A 519 -29.66 -1.88 -10.48
C PHE A 519 -30.30 -1.94 -11.86
N ASN A 520 -31.62 -1.90 -11.88
CA ASN A 520 -32.40 -1.83 -13.11
C ASN A 520 -33.46 -0.75 -12.97
N ASN A 521 -33.33 0.33 -13.72
CA ASN A 521 -34.31 1.40 -13.69
C ASN A 521 -35.11 1.48 -14.99
N ALA A 522 -35.10 0.36 -15.73
CA ALA A 522 -35.96 0.22 -16.91
C ALA A 522 -37.41 0.05 -16.47
N THR A 523 -38.32 0.21 -17.42
CA THR A 523 -39.74 0.03 -17.15
C THR A 523 -40.27 -1.22 -17.83
N GLY A 524 -39.82 -1.45 -19.08
CA GLY A 524 -40.37 -2.51 -19.91
C GLY A 524 -39.87 -3.92 -19.62
N ALA A 525 -38.75 -4.05 -18.94
CA ALA A 525 -38.11 -5.36 -18.77
C ALA A 525 -37.43 -5.56 -17.43
N SER A 526 -37.17 -6.82 -17.10
CA SER A 526 -36.26 -7.16 -16.01
C SER A 526 -34.94 -7.65 -16.60
N ILE A 527 -33.86 -7.50 -15.84
CA ILE A 527 -32.56 -7.94 -16.31
C ILE A 527 -32.02 -9.10 -15.47
N THR A 528 -31.18 -9.94 -16.10
CA THR A 528 -30.52 -11.03 -15.39
C THR A 528 -29.01 -10.91 -15.59
N ALA A 529 -28.33 -10.67 -14.47
CA ALA A 529 -26.89 -10.43 -14.49
C ALA A 529 -26.12 -11.50 -13.75
N SER A 530 -25.02 -11.95 -14.36
CA SER A 530 -24.02 -12.73 -13.65
C SER A 530 -22.77 -11.89 -13.46
N LEU A 531 -22.23 -11.90 -12.25
CA LEU A 531 -21.04 -11.12 -11.91
C LEU A 531 -19.96 -11.96 -11.26
N LYS A 532 -18.73 -11.46 -11.32
CA LYS A 532 -17.61 -11.98 -10.55
C LYS A 532 -16.82 -10.76 -10.04
N ILE A 533 -16.51 -10.75 -8.76
CA ILE A 533 -15.87 -9.59 -8.14
C ILE A 533 -14.61 -9.98 -7.37
N TRP A 534 -13.49 -9.39 -7.76
CA TRP A 534 -12.22 -9.58 -7.06
C TRP A 534 -11.87 -8.36 -6.22
N GLU A 535 -11.47 -8.61 -4.98
CA GLU A 535 -10.82 -7.57 -4.16
C GLU A 535 -9.42 -7.38 -4.71
N MET A 536 -8.93 -6.15 -4.69
CA MET A 536 -7.64 -5.82 -5.28
C MET A 536 -6.63 -5.35 -4.25
N ASN A 537 -5.41 -5.85 -4.35
CA ASN A 537 -4.32 -5.49 -3.45
C ASN A 537 -3.72 -4.13 -3.83
N SER A 538 -2.82 -3.63 -2.99
CA SER A 538 -2.01 -2.47 -3.33
C SER A 538 -1.00 -2.85 -4.41
N ALA A 539 -0.64 -1.91 -5.27
CA ALA A 539 0.46 -2.12 -6.18
C ALA A 539 1.78 -1.88 -5.45
N PHE A 540 1.68 -1.47 -4.19
CA PHE A 540 2.82 -1.15 -3.33
C PHE A 540 3.81 -0.22 -4.00
N ILE A 541 3.31 0.87 -4.56
CA ILE A 541 4.17 1.80 -5.27
C ILE A 541 5.00 2.60 -4.28
N GLN A 542 6.31 2.42 -4.36
CA GLN A 542 7.27 2.95 -3.39
C GLN A 542 8.57 3.32 -4.11
N PRO A 543 9.56 3.86 -3.38
CA PRO A 543 10.84 4.14 -4.05
C PRO A 543 11.62 2.86 -4.39
N PHE A 544 12.49 2.96 -5.39
CA PHE A 544 13.37 1.86 -5.75
C PHE A 544 14.40 1.54 -4.66
N HIS A 545 14.80 0.27 -4.58
CA HIS A 545 15.78 -0.21 -3.61
C HIS A 545 17.21 -0.12 -4.13
N PRO B 7 23.92 -21.80 2.91
CA PRO B 7 23.50 -20.47 2.43
C PRO B 7 22.65 -20.55 1.15
N TYR B 8 21.35 -20.30 1.30
CA TYR B 8 20.41 -20.40 0.19
C TYR B 8 20.56 -19.21 -0.78
N PRO B 9 20.54 -19.50 -2.10
CA PRO B 9 20.63 -18.44 -3.12
C PRO B 9 19.28 -17.73 -3.39
N TRP B 10 18.87 -16.87 -2.46
CA TRP B 10 17.60 -16.13 -2.56
C TRP B 10 17.53 -15.27 -3.83
N SER B 11 16.36 -15.22 -4.45
CA SER B 11 16.14 -14.39 -5.63
C SER B 11 15.56 -13.03 -5.22
N ASN B 12 15.59 -12.06 -6.14
CA ASN B 12 14.97 -10.75 -5.90
C ASN B 12 13.49 -10.88 -5.58
N ALA B 13 12.81 -11.80 -6.28
CA ALA B 13 11.38 -12.02 -6.10
C ALA B 13 11.04 -12.61 -4.73
N GLN B 14 11.90 -13.48 -4.20
CA GLN B 14 11.69 -14.09 -2.89
C GLN B 14 11.92 -13.10 -1.77
N LEU B 15 12.88 -12.20 -1.96
CA LEU B 15 13.23 -11.21 -0.94
C LEU B 15 12.26 -10.05 -0.89
N SER B 16 11.76 -9.62 -2.05
CA SER B 16 10.79 -8.53 -2.10
C SER B 16 9.46 -8.95 -1.49
N TRP B 17 9.12 -10.22 -1.60
CA TRP B 17 7.89 -10.76 -1.02
C TRP B 17 7.86 -10.60 0.51
N GLN B 18 9.04 -10.60 1.12
CA GLN B 18 9.18 -10.55 2.57
C GLN B 18 8.71 -9.24 3.21
N ARG B 19 8.78 -8.14 2.47
CA ARG B 19 8.25 -6.86 2.93
C ARG B 19 6.77 -6.96 3.27
N THR B 20 6.41 -6.52 4.47
CA THR B 20 5.04 -6.63 4.96
C THR B 20 4.13 -5.59 4.32
N ALA B 21 2.84 -5.92 4.26
CA ALA B 21 1.84 -5.07 3.64
C ALA B 21 1.25 -4.08 4.64
N PHE B 22 1.08 -4.53 5.90
CA PHE B 22 0.40 -3.71 6.89
C PHE B 22 1.04 -3.68 8.27
N HIS B 23 2.30 -4.07 8.37
CA HIS B 23 3.06 -3.90 9.61
C HIS B 23 3.99 -2.71 9.46
N PHE B 24 4.26 -2.00 10.56
CA PHE B 24 5.18 -0.88 10.48
C PHE B 24 6.61 -1.31 10.27
N GLN B 25 7.25 -0.61 9.35
CA GLN B 25 8.55 -0.92 8.81
C GLN B 25 9.04 0.39 8.22
N PRO B 26 10.32 0.74 8.47
CA PRO B 26 10.87 1.91 7.79
C PRO B 26 11.02 1.62 6.30
N GLU B 27 11.42 2.62 5.52
CA GLU B 27 11.54 2.46 4.07
C GLU B 27 12.62 1.42 3.73
N ARG B 28 13.69 1.41 4.52
CA ARG B 28 14.82 0.50 4.36
C ARG B 28 15.61 0.39 5.66
N SER B 29 16.61 -0.49 5.66
CA SER B 29 17.62 -0.58 6.73
C SER B 29 17.13 -1.19 8.05
N TRP B 30 17.94 -1.06 9.09
CA TRP B 30 17.66 -1.64 10.41
C TRP B 30 16.70 -0.81 11.27
N MET B 31 15.76 -1.49 11.91
CA MET B 31 14.92 -0.91 12.97
C MET B 31 14.75 -1.93 14.09
N SER B 32 14.85 -1.49 15.35
CA SER B 32 14.57 -2.36 16.49
C SER B 32 13.66 -1.73 17.56
N ASP B 33 14.19 -1.50 18.75
CA ASP B 33 13.42 -1.03 19.92
C ASP B 33 12.39 0.07 19.70
N PRO B 34 11.13 -0.16 20.15
CA PRO B 34 10.14 0.91 20.29
C PRO B 34 10.62 1.94 21.30
N ASP B 35 10.42 3.22 20.99
CA ASP B 35 10.89 4.29 21.86
C ASP B 35 9.83 5.38 22.04
N GLY B 36 9.75 5.89 23.27
CA GLY B 36 8.81 6.94 23.67
C GLY B 36 7.49 7.05 22.92
N PRO B 37 6.68 5.97 22.91
CA PRO B 37 5.39 6.11 22.24
C PRO B 37 4.45 6.98 23.06
N ILE B 38 3.77 7.91 22.40
CA ILE B 38 2.76 8.74 23.04
C ILE B 38 1.58 8.99 22.12
N PHE B 39 0.49 9.51 22.69
CA PHE B 39 -0.57 10.10 21.91
C PHE B 39 -0.54 11.59 22.21
N TYR B 40 -0.39 12.39 21.16
CA TYR B 40 -0.29 13.84 21.32
C TYR B 40 -1.05 14.55 20.21
N LYS B 41 -1.94 15.46 20.63
CA LYS B 41 -2.68 16.36 19.74
C LYS B 41 -3.28 15.71 18.49
N GLY B 42 -3.94 14.57 18.66
CA GLY B 42 -4.61 13.89 17.58
C GLY B 42 -3.78 12.88 16.80
N TRP B 43 -2.51 12.75 17.14
CA TRP B 43 -1.61 11.81 16.47
C TRP B 43 -1.07 10.76 17.44
N TYR B 44 -0.91 9.53 16.94
CA TYR B 44 -0.14 8.53 17.65
C TYR B 44 1.32 8.62 17.20
N HIS B 45 2.21 8.85 18.17
CA HIS B 45 3.63 9.03 17.87
C HIS B 45 4.39 7.75 18.18
N PHE B 46 5.27 7.37 17.25
CA PHE B 46 6.13 6.20 17.46
C PHE B 46 7.58 6.53 17.09
N PHE B 47 8.49 6.25 18.02
CA PHE B 47 9.93 6.40 17.79
C PHE B 47 10.58 5.01 17.83
N TYR B 48 11.69 4.84 17.13
CA TYR B 48 12.35 3.54 17.07
C TYR B 48 13.85 3.61 16.86
N GLN B 49 14.57 2.64 17.44
CA GLN B 49 15.99 2.44 17.13
C GLN B 49 16.17 2.21 15.64
N TYR B 50 17.04 3.01 15.04
CA TYR B 50 17.22 3.02 13.60
C TYR B 50 18.68 3.20 13.22
N ASN B 51 19.21 2.27 12.42
CA ASN B 51 20.53 2.43 11.79
C ASN B 51 20.34 2.94 10.37
N PRO B 52 20.73 4.21 10.11
CA PRO B 52 20.55 4.81 8.78
C PRO B 52 21.40 4.15 7.71
N ASP B 53 22.48 3.51 8.13
CA ASP B 53 23.50 3.03 7.20
C ASP B 53 23.27 1.61 6.70
N ASN B 54 23.12 0.66 7.63
CA ASN B 54 23.05 -0.75 7.25
C ASN B 54 21.96 -1.53 7.99
N PRO B 55 21.37 -2.54 7.32
CA PRO B 55 20.36 -3.39 7.96
C PRO B 55 20.92 -4.34 9.03
N VAL B 56 21.85 -3.83 9.83
CA VAL B 56 22.33 -4.51 11.05
C VAL B 56 22.27 -3.54 12.23
N TRP B 57 22.33 -4.06 13.45
CA TRP B 57 22.35 -3.21 14.63
C TRP B 57 23.56 -2.28 14.62
N GLY B 58 23.35 -1.03 15.01
CA GLY B 58 24.43 -0.06 15.10
C GLY B 58 24.04 1.36 14.75
N ASN B 59 24.98 2.29 14.94
CA ASN B 59 24.82 3.71 14.61
C ASN B 59 23.46 4.28 15.00
N ASN B 60 23.03 3.97 16.23
CA ASN B 60 21.66 4.17 16.67
C ASN B 60 21.14 5.61 16.64
N THR B 61 20.04 5.80 15.91
CA THR B 61 19.28 7.04 15.93
C THR B 61 17.80 6.72 16.19
N TRP B 62 17.01 7.75 16.49
CA TRP B 62 15.58 7.57 16.68
C TRP B 62 14.78 7.94 15.43
N GLY B 63 14.21 6.92 14.79
CA GLY B 63 13.25 7.13 13.72
C GLY B 63 11.93 7.61 14.30
N HIS B 64 11.15 8.30 13.48
CA HIS B 64 9.89 8.88 13.94
C HIS B 64 8.80 8.75 12.88
N THR B 65 7.62 8.37 13.33
CA THR B 65 6.46 8.17 12.47
C THR B 65 5.19 8.49 13.26
N VAL B 66 4.15 8.90 12.56
CA VAL B 66 2.87 9.23 13.19
C VAL B 66 1.72 8.55 12.47
N SER B 67 0.62 8.32 13.18
CA SER B 67 -0.61 7.82 12.56
C SER B 67 -1.83 8.30 13.32
N ARG B 68 -2.97 8.30 12.64
CA ARG B 68 -4.25 8.66 13.27
C ARG B 68 -4.84 7.50 14.08
N ASP B 69 -4.42 6.29 13.74
CA ASP B 69 -5.12 5.08 14.16
C ASP B 69 -4.21 3.89 14.49
N LEU B 70 -2.97 4.18 14.89
CA LEU B 70 -1.98 3.13 15.22
C LEU B 70 -1.77 2.10 14.11
N ILE B 71 -2.17 2.44 12.88
CA ILE B 71 -2.13 1.49 11.76
C ILE B 71 -1.57 2.17 10.50
N HIS B 72 -2.20 3.26 10.08
CA HIS B 72 -1.83 3.93 8.83
C HIS B 72 -0.69 4.91 9.06
N TRP B 73 0.53 4.39 9.10
CA TRP B 73 1.72 5.16 9.47
C TRP B 73 2.27 6.04 8.36
N LEU B 74 2.81 7.19 8.76
CA LEU B 74 3.44 8.13 7.84
C LEU B 74 4.82 8.46 8.39
N TYR B 75 5.84 8.36 7.55
CA TYR B 75 7.22 8.62 7.97
C TYR B 75 7.45 10.11 8.22
N LEU B 76 8.27 10.41 9.23
CA LEU B 76 8.71 11.77 9.49
C LEU B 76 10.25 11.84 9.47
N PRO B 77 10.82 13.06 9.51
CA PRO B 77 12.27 13.16 9.67
C PRO B 77 12.78 12.55 10.98
N LEU B 78 14.02 12.08 10.96
CA LEU B 78 14.71 11.54 12.13
C LEU B 78 14.58 12.45 13.36
N ALA B 79 14.28 11.85 14.51
CA ALA B 79 14.03 12.61 15.73
C ALA B 79 15.31 12.94 16.51
N LEU B 80 16.13 11.93 16.79
CA LEU B 80 17.38 12.14 17.50
C LEU B 80 18.53 11.45 16.76
N ALA B 81 19.63 12.18 16.60
CA ALA B 81 20.81 11.67 15.91
C ALA B 81 21.97 11.54 16.90
N ALA B 82 22.93 10.68 16.56
CA ALA B 82 24.16 10.55 17.34
C ALA B 82 25.09 11.70 16.96
N ASP B 83 24.83 12.88 17.52
CA ASP B 83 25.55 14.11 17.13
C ASP B 83 26.28 14.83 18.26
N GLN B 84 26.15 14.33 19.49
CA GLN B 84 26.83 14.92 20.66
C GLN B 84 27.78 13.88 21.28
N TRP B 85 28.81 14.34 21.97
CA TRP B 85 29.81 13.44 22.53
C TRP B 85 29.21 12.36 23.45
N TYR B 86 28.21 12.75 24.23
CA TYR B 86 27.59 11.85 25.19
C TYR B 86 26.68 10.82 24.54
N ASP B 87 26.38 11.01 23.26
CA ASP B 87 25.59 10.03 22.52
C ASP B 87 26.09 9.76 21.10
N MET B 88 27.39 9.96 20.89
CA MET B 88 28.00 9.75 19.57
C MET B 88 27.96 8.28 19.15
N GLN B 89 28.08 7.37 20.11
CA GLN B 89 28.05 5.94 19.81
C GLN B 89 26.66 5.39 19.60
N GLY B 90 25.64 6.17 19.95
CA GLY B 90 24.27 5.80 19.69
C GLY B 90 23.26 6.50 20.58
N VAL B 91 22.03 6.62 20.07
CA VAL B 91 20.93 7.15 20.87
C VAL B 91 20.05 5.95 21.23
N PHE B 92 20.33 5.36 22.39
CA PHE B 92 19.64 4.15 22.82
C PHE B 92 18.25 4.47 23.35
N SER B 93 17.54 3.43 23.77
CA SER B 93 16.12 3.52 24.11
C SER B 93 15.79 4.47 25.25
N GLY B 94 14.52 4.85 25.29
CA GLY B 94 13.98 5.73 26.32
C GLY B 94 12.48 5.81 26.22
N SER B 95 11.87 6.53 27.15
CA SER B 95 10.43 6.63 27.26
C SER B 95 10.00 8.08 27.49
N ALA B 96 8.74 8.38 27.23
CA ALA B 96 8.24 9.73 27.42
C ALA B 96 7.38 9.86 28.67
N THR B 97 7.60 10.96 29.39
CA THR B 97 6.73 11.34 30.48
C THR B 97 6.06 12.67 30.10
N CYS B 98 4.74 12.69 30.13
CA CYS B 98 3.96 13.91 29.88
C CYS B 98 3.56 14.54 31.20
N LEU B 99 4.09 15.73 31.47
CA LEU B 99 3.75 16.46 32.68
C LEU B 99 2.37 17.11 32.53
N PRO B 100 1.72 17.47 33.65
CA PRO B 100 0.36 18.03 33.55
C PRO B 100 0.30 19.49 33.03
N ASP B 101 1.45 20.11 32.76
CA ASP B 101 1.45 21.45 32.15
C ASP B 101 1.73 21.41 30.64
N GLY B 102 1.52 20.24 30.04
CA GLY B 102 1.66 20.06 28.59
C GLY B 102 3.04 19.72 28.07
N ARG B 103 4.01 19.64 28.98
CA ARG B 103 5.40 19.34 28.63
C ARG B 103 5.65 17.84 28.45
N ILE B 104 6.36 17.50 27.37
CA ILE B 104 6.82 16.13 27.14
C ILE B 104 8.30 16.07 27.49
N MET B 105 8.65 15.21 28.44
CA MET B 105 10.03 14.95 28.78
C MET B 105 10.42 13.57 28.25
N MET B 106 11.29 13.57 27.25
CA MET B 106 11.77 12.33 26.65
C MET B 106 13.13 11.96 27.24
N LEU B 107 13.15 10.88 28.02
CA LEU B 107 14.39 10.37 28.60
C LEU B 107 14.96 9.30 27.69
N TYR B 108 16.24 9.41 27.36
CA TYR B 108 16.93 8.40 26.57
C TYR B 108 18.33 8.11 27.12
N THR B 109 18.87 6.96 26.76
CA THR B 109 20.24 6.59 27.10
C THR B 109 21.15 6.97 25.95
N GLY B 110 22.24 7.67 26.26
CA GLY B 110 23.23 8.06 25.25
C GLY B 110 24.55 7.37 25.51
N VAL B 111 25.17 6.86 24.45
CA VAL B 111 26.42 6.09 24.57
C VAL B 111 27.62 6.86 23.99
N THR B 112 28.69 6.94 24.78
CA THR B 112 29.92 7.63 24.40
C THR B 112 30.86 6.72 23.60
N LYS B 113 31.88 7.30 22.98
CA LYS B 113 32.91 6.55 22.23
C LYS B 113 33.49 5.39 23.06
N GLU B 114 33.60 5.60 24.37
CA GLU B 114 34.14 4.60 25.29
C GLU B 114 33.13 3.52 25.68
N MET B 115 31.97 3.54 25.02
CA MET B 115 30.87 2.59 25.29
C MET B 115 30.16 2.85 26.63
N VAL B 116 30.35 4.03 27.21
CA VAL B 116 29.74 4.37 28.48
C VAL B 116 28.33 4.86 28.23
N GLU B 117 27.38 4.34 29.01
CA GLU B 117 25.97 4.67 28.86
C GLU B 117 25.49 5.61 29.96
N MET B 118 24.87 6.72 29.56
CA MET B 118 24.38 7.71 30.52
C MET B 118 22.99 8.20 30.12
N LEU B 119 22.21 8.60 31.11
CA LEU B 119 20.86 9.11 30.86
C LEU B 119 20.92 10.58 30.42
N SER B 120 20.09 10.91 29.43
CA SER B 120 20.00 12.27 28.88
C SER B 120 18.56 12.64 28.57
N LEU B 121 18.30 13.93 28.47
CA LEU B 121 16.96 14.45 28.28
C LEU B 121 16.81 15.10 26.91
N ALA B 122 15.68 14.82 26.26
CA ALA B 122 15.27 15.52 25.05
C ALA B 122 13.82 15.94 25.19
N TYR B 123 13.45 17.02 24.49
CA TYR B 123 12.08 17.51 24.52
C TYR B 123 11.71 18.19 23.19
N PRO B 124 10.41 18.29 22.87
CA PRO B 124 9.99 18.96 21.65
C PRO B 124 10.50 20.39 21.60
N ALA B 125 10.94 20.80 20.42
CA ALA B 125 11.38 22.17 20.19
C ALA B 125 10.18 23.09 20.19
N ASP B 126 9.02 22.53 19.83
CA ASP B 126 7.80 23.28 19.58
C ASP B 126 6.59 22.44 19.96
N LEU B 127 6.10 22.64 21.19
CA LEU B 127 4.93 21.92 21.69
C LEU B 127 3.64 22.25 20.95
N SER B 128 3.63 23.36 20.20
CA SER B 128 2.45 23.72 19.41
C SER B 128 2.36 22.91 18.11
N ASP B 129 3.40 22.14 17.81
CA ASP B 129 3.45 21.31 16.60
C ASP B 129 2.95 19.87 16.88
N PRO B 130 1.74 19.53 16.40
CA PRO B 130 1.17 18.21 16.66
C PRO B 130 2.08 17.09 16.17
N LEU B 131 2.79 17.35 15.06
CA LEU B 131 3.67 16.35 14.46
C LEU B 131 4.99 16.19 15.21
N LEU B 132 5.27 17.12 16.13
CA LEU B 132 6.49 17.08 16.96
C LEU B 132 7.77 16.74 16.17
N VAL B 133 7.96 17.39 15.02
CA VAL B 133 9.09 17.12 14.12
C VAL B 133 10.44 17.33 14.80
N GLU B 134 10.75 18.58 15.17
CA GLU B 134 12.06 18.92 15.71
C GLU B 134 12.17 18.57 17.19
N TRP B 135 13.28 17.92 17.54
CA TRP B 135 13.58 17.59 18.92
C TRP B 135 14.87 18.24 19.38
N VAL B 136 14.84 18.79 20.60
CA VAL B 136 15.98 19.50 21.14
C VAL B 136 16.56 18.69 22.29
N LYS B 137 17.88 18.61 22.35
CA LYS B 137 18.55 17.96 23.45
C LYS B 137 18.82 18.98 24.55
N TYR B 138 18.58 18.57 25.80
CA TYR B 138 18.77 19.44 26.96
C TYR B 138 20.24 19.86 27.08
N PRO B 139 20.49 21.18 27.14
CA PRO B 139 21.84 21.75 27.30
C PRO B 139 22.69 21.08 28.40
N GLY B 140 22.10 20.79 29.56
CA GLY B 140 22.82 20.17 30.67
C GLY B 140 23.08 18.67 30.56
N ASN B 141 22.93 18.12 29.34
CA ASN B 141 23.24 16.72 29.09
C ASN B 141 24.75 16.42 29.14
N PRO B 142 25.12 15.21 29.59
CA PRO B 142 24.24 14.18 30.12
C PRO B 142 23.87 14.45 31.59
N ILE B 143 22.78 13.84 32.05
CA ILE B 143 22.24 14.18 33.38
C ILE B 143 22.52 13.13 34.46
N LEU B 144 22.63 11.87 34.07
CA LEU B 144 22.77 10.78 35.04
C LEU B 144 23.75 9.69 34.62
N SER B 145 24.69 9.38 35.51
CA SER B 145 25.63 8.28 35.29
C SER B 145 25.40 7.17 36.31
N ALA B 146 25.84 5.96 35.96
CA ALA B 146 25.62 4.77 36.78
C ALA B 146 26.08 4.95 38.23
N PRO B 147 25.29 4.44 39.19
CA PRO B 147 25.68 4.42 40.59
C PRO B 147 26.75 3.36 40.88
N PRO B 148 27.39 3.40 42.06
CA PRO B 148 28.46 2.47 42.42
C PRO B 148 28.20 1.00 42.06
N GLY B 149 26.99 0.51 42.33
CA GLY B 149 26.69 -0.91 42.18
C GLY B 149 26.39 -1.42 40.77
N VAL B 150 26.32 -0.51 39.81
CA VAL B 150 25.93 -0.88 38.44
C VAL B 150 26.99 -0.46 37.42
N SER B 151 27.31 -1.36 36.49
CA SER B 151 28.31 -1.09 35.47
C SER B 151 27.92 0.09 34.57
N PRO B 152 28.86 1.03 34.33
CA PRO B 152 28.61 2.22 33.49
C PRO B 152 28.53 1.90 32.00
N THR B 153 28.83 0.65 31.64
CA THR B 153 28.66 0.17 30.27
C THR B 153 27.39 -0.66 30.12
N GLU B 154 26.54 -0.59 31.15
CA GLU B 154 25.28 -1.35 31.22
C GLU B 154 24.28 -0.64 32.13
N PHE B 155 23.98 0.61 31.79
CA PHE B 155 23.13 1.49 32.60
C PHE B 155 22.17 2.20 31.65
N ARG B 156 20.96 1.67 31.57
CA ARG B 156 20.16 1.72 30.33
C ARG B 156 18.67 1.78 30.59
N ASP B 157 17.93 2.40 29.67
CA ASP B 157 16.47 2.23 29.52
C ASP B 157 15.59 2.75 30.66
N ALA B 158 15.54 4.07 30.84
CA ALA B 158 14.57 4.68 31.74
C ALA B 158 13.14 4.44 31.26
N SER B 159 12.26 4.15 32.21
CA SER B 159 10.84 3.93 31.94
C SER B 159 10.07 5.24 31.91
N THR B 160 8.81 5.17 31.50
CA THR B 160 7.87 6.29 31.64
C THR B 160 7.68 6.55 33.13
N GLY B 161 7.67 7.82 33.51
CA GLY B 161 7.53 8.19 34.91
C GLY B 161 6.14 8.03 35.47
N TRP B 162 6.04 7.85 36.79
CA TRP B 162 4.75 7.80 37.48
C TRP B 162 4.78 8.71 38.71
N TYR B 163 3.66 9.38 38.96
CA TYR B 163 3.61 10.47 39.94
C TYR B 163 3.43 10.00 41.38
N VAL B 164 4.08 10.70 42.30
CA VAL B 164 4.03 10.39 43.73
C VAL B 164 3.26 11.49 44.50
N SER B 165 3.95 12.60 44.77
CA SER B 165 3.34 13.80 45.37
C SER B 165 4.35 14.95 45.43
N ASN B 166 3.88 16.15 45.78
CA ASN B 166 4.75 17.33 45.97
C ASN B 166 5.68 17.55 44.77
N GLY B 167 5.16 17.26 43.57
CA GLY B 167 5.91 17.43 42.32
C GLY B 167 6.99 16.40 42.05
N THR B 168 7.01 15.31 42.82
CA THR B 168 7.99 14.24 42.66
C THR B 168 7.48 13.12 41.75
N TRP B 169 8.24 12.84 40.71
CA TRP B 169 7.98 11.72 39.79
C TRP B 169 9.00 10.61 40.01
N ARG B 170 8.64 9.40 39.61
CA ARG B 170 9.54 8.24 39.72
C ARG B 170 9.72 7.55 38.38
N ILE B 171 10.93 7.08 38.12
CA ILE B 171 11.23 6.31 36.91
C ILE B 171 11.91 4.99 37.28
N ALA B 172 11.79 4.02 36.39
CA ALA B 172 12.43 2.73 36.59
C ALA B 172 13.60 2.54 35.61
N ILE B 173 14.73 2.08 36.15
CA ILE B 173 15.86 1.67 35.33
C ILE B 173 16.27 0.27 35.77
N GLY B 174 16.23 -0.67 34.84
CA GLY B 174 16.61 -2.05 35.12
C GLY B 174 18.11 -2.24 35.03
N ALA B 175 18.61 -3.24 35.73
CA ALA B 175 20.03 -3.58 35.75
C ALA B 175 20.21 -4.96 36.37
N LYS B 176 21.39 -5.22 36.92
CA LYS B 176 21.63 -6.48 37.61
C LYS B 176 22.61 -6.34 38.77
N TYR B 177 22.43 -7.20 39.78
CA TYR B 177 23.47 -7.43 40.77
C TYR B 177 23.91 -8.87 40.55
N ASN B 178 25.09 -9.05 39.95
CA ASN B 178 25.58 -10.38 39.56
C ASN B 178 24.63 -11.09 38.60
N THR B 179 23.93 -12.11 39.10
CA THR B 179 22.94 -12.85 38.31
C THR B 179 21.51 -12.47 38.68
N THR B 180 21.37 -11.50 39.58
CA THR B 180 20.07 -11.03 40.03
C THR B 180 19.63 -9.83 39.20
N GLY B 181 18.54 -10.00 38.46
CA GLY B 181 17.91 -8.89 37.76
C GLY B 181 17.25 -7.96 38.77
N ILE B 182 17.43 -6.66 38.57
CA ILE B 182 16.90 -5.65 39.50
C ILE B 182 16.27 -4.49 38.72
N ALA B 183 15.41 -3.74 39.40
CA ALA B 183 14.82 -2.54 38.83
C ALA B 183 15.00 -1.40 39.83
N MET B 184 15.86 -0.46 39.48
CA MET B 184 16.10 0.72 40.32
C MET B 184 15.03 1.76 40.10
N VAL B 185 14.78 2.57 41.13
CA VAL B 185 13.86 3.69 41.02
C VAL B 185 14.58 4.97 41.38
N TYR B 186 14.48 5.96 40.49
CA TYR B 186 15.00 7.29 40.70
C TYR B 186 13.87 8.28 40.91
N GLU B 187 14.14 9.35 41.64
CA GLU B 187 13.16 10.41 41.85
C GLU B 187 13.62 11.71 41.23
N THR B 188 12.72 12.36 40.52
CA THR B 188 12.99 13.65 39.93
C THR B 188 11.82 14.59 40.20
N LYS B 189 12.05 15.89 40.03
CA LYS B 189 10.96 16.89 40.06
C LYS B 189 10.93 17.67 38.76
N ASP B 190 11.96 17.50 37.94
CA ASP B 190 12.17 18.34 36.76
C ASP B 190 12.75 17.57 35.57
N PHE B 191 13.13 16.31 35.82
CA PHE B 191 13.72 15.42 34.81
C PHE B 191 15.11 15.85 34.34
N LYS B 192 15.76 16.67 35.16
CA LYS B 192 17.12 17.16 34.89
C LYS B 192 18.07 16.74 36.01
N SER B 193 17.51 16.33 37.15
CA SER B 193 18.28 15.80 38.28
C SER B 193 17.53 14.60 38.84
N PHE B 194 18.28 13.54 39.12
CA PHE B 194 17.68 12.29 39.60
C PHE B 194 18.34 11.80 40.89
N LYS B 195 17.51 11.37 41.82
CA LYS B 195 17.96 10.88 43.11
C LYS B 195 17.59 9.40 43.24
N LEU B 196 18.62 8.55 43.35
CA LEU B 196 18.45 7.10 43.44
C LEU B 196 17.84 6.68 44.78
N LEU B 197 16.77 5.90 44.72
CA LEU B 197 16.15 5.37 45.92
C LEU B 197 16.90 4.15 46.43
N GLU B 198 17.00 4.06 47.75
CA GLU B 198 17.74 2.99 48.40
C GLU B 198 17.02 1.64 48.26
N GLU B 199 15.68 1.70 48.22
CA GLU B 199 14.85 0.51 48.03
C GLU B 199 14.66 0.21 46.55
N LEU B 200 14.97 -1.02 46.16
CA LEU B 200 14.71 -1.48 44.81
C LEU B 200 13.20 -1.67 44.60
N LEU B 201 12.75 -1.50 43.37
CA LEU B 201 11.36 -1.75 43.01
C LEU B 201 11.03 -3.22 43.23
N HIS B 202 11.92 -4.08 42.74
CA HIS B 202 11.88 -5.53 42.92
C HIS B 202 13.15 -6.13 42.34
N ALA B 203 13.40 -7.40 42.69
CA ALA B 203 14.58 -8.12 42.25
C ALA B 203 14.27 -9.61 42.18
N VAL B 204 14.75 -10.26 41.11
CA VAL B 204 14.55 -11.71 40.94
C VAL B 204 15.88 -12.40 40.63
N PRO B 205 16.28 -13.36 41.50
CA PRO B 205 17.53 -14.10 41.29
C PRO B 205 17.55 -14.95 40.02
N ASP B 206 18.74 -15.12 39.45
CA ASP B 206 19.00 -15.98 38.28
C ASP B 206 18.29 -15.57 36.99
N THR B 207 18.01 -14.28 36.81
CA THR B 207 17.41 -13.80 35.56
C THR B 207 18.42 -13.10 34.66
N GLY B 208 19.48 -12.58 35.25
CA GLY B 208 20.43 -11.74 34.53
C GLY B 208 19.86 -10.35 34.33
N LEU B 209 20.59 -9.53 33.58
CA LEU B 209 20.23 -8.12 33.32
C LEU B 209 18.77 -7.90 32.90
N TRP B 210 18.12 -6.95 33.55
CA TRP B 210 16.78 -6.49 33.15
C TRP B 210 16.87 -5.27 32.23
N GLU B 211 16.42 -5.43 30.99
CA GLU B 211 16.38 -4.31 30.05
C GLU B 211 14.96 -3.80 29.92
N CYS B 212 14.84 -2.56 29.46
CA CYS B 212 13.55 -2.00 29.07
C CYS B 212 12.45 -2.32 30.11
N VAL B 213 12.68 -1.92 31.37
CA VAL B 213 11.75 -2.22 32.45
C VAL B 213 10.49 -1.35 32.35
N ASP B 214 9.33 -1.97 32.60
CA ASP B 214 8.04 -1.29 32.50
C ASP B 214 7.14 -1.65 33.70
N LEU B 215 6.69 -0.61 34.40
CA LEU B 215 5.70 -0.75 35.48
C LEU B 215 4.47 0.04 35.09
N TYR B 216 3.30 -0.56 35.21
CA TYR B 216 2.04 0.11 34.89
C TYR B 216 0.84 -0.53 35.59
N PRO B 217 -0.22 0.28 35.83
CA PRO B 217 -1.42 -0.23 36.46
C PRO B 217 -2.40 -0.86 35.47
N VAL B 218 -3.11 -1.89 35.95
CA VAL B 218 -4.22 -2.50 35.23
C VAL B 218 -5.46 -2.56 36.14
N SER B 219 -6.62 -2.40 35.54
CA SER B 219 -7.89 -2.41 36.26
C SER B 219 -8.33 -3.84 36.57
N THR B 220 -8.88 -4.04 37.76
CA THR B 220 -9.41 -5.35 38.15
C THR B 220 -10.91 -5.47 37.91
N THR B 221 -11.56 -4.35 37.59
CA THR B 221 -13.02 -4.34 37.37
C THR B 221 -13.40 -3.91 35.96
N GLY B 222 -12.81 -2.82 35.49
CA GLY B 222 -13.20 -2.24 34.21
C GLY B 222 -12.56 -2.93 33.03
N GLU B 223 -12.94 -2.49 31.83
CA GLU B 223 -12.30 -2.98 30.60
C GLU B 223 -11.53 -1.88 29.87
N LYS B 224 -11.14 -0.85 30.61
CA LYS B 224 -10.33 0.25 30.10
C LYS B 224 -8.90 0.16 30.62
N GLY B 225 -7.95 0.71 29.86
CA GLY B 225 -6.58 0.88 30.34
C GLY B 225 -6.50 2.05 31.30
N LEU B 226 -5.46 2.07 32.12
CA LEU B 226 -5.32 3.13 33.13
C LEU B 226 -4.13 4.04 32.88
N GLU B 227 -4.27 5.31 33.23
CA GLU B 227 -3.17 6.26 33.18
C GLU B 227 -2.07 5.78 34.15
N THR B 228 -0.82 5.89 33.72
CA THR B 228 0.34 5.32 34.43
C THR B 228 0.41 5.64 35.93
N SER B 229 -0.05 6.83 36.31
CA SER B 229 0.02 7.27 37.70
C SER B 229 -1.10 6.75 38.61
N VAL B 230 -2.09 6.07 38.03
CA VAL B 230 -3.25 5.56 38.76
C VAL B 230 -2.88 4.53 39.85
N ASN B 231 -3.58 4.62 40.98
CA ASN B 231 -3.45 3.74 42.14
C ASN B 231 -4.68 3.99 43.04
N GLY B 232 -5.15 3.02 43.84
CA GLY B 232 -4.59 1.68 43.94
C GLY B 232 -5.30 0.63 44.80
N PRO B 233 -6.56 0.89 45.25
CA PRO B 233 -7.22 -0.22 45.96
C PRO B 233 -7.79 -1.30 45.02
N LYS B 234 -8.35 -0.89 43.88
CA LYS B 234 -8.87 -1.80 42.85
C LYS B 234 -7.90 -1.90 41.67
N VAL B 235 -6.62 -1.68 41.95
CA VAL B 235 -5.60 -1.56 40.93
C VAL B 235 -4.47 -2.56 41.17
N LYS B 236 -4.15 -3.32 40.14
CA LYS B 236 -2.96 -4.17 40.18
C LYS B 236 -1.90 -3.60 39.25
N HIS B 237 -0.64 -3.95 39.49
CA HIS B 237 0.47 -3.44 38.71
C HIS B 237 1.22 -4.56 37.99
N VAL B 238 1.37 -4.40 36.67
CA VAL B 238 2.18 -5.30 35.89
C VAL B 238 3.61 -4.79 35.92
N LEU B 239 4.54 -5.65 36.33
CA LEU B 239 5.96 -5.36 36.19
C LEU B 239 6.50 -6.19 35.05
N LYS B 240 7.24 -5.54 34.15
CA LYS B 240 7.76 -6.20 32.95
C LYS B 240 9.24 -5.90 32.74
N ALA B 241 9.98 -6.91 32.30
CA ALA B 241 11.40 -6.75 31.98
C ALA B 241 11.79 -7.55 30.74
N SER B 242 12.69 -6.97 29.94
CA SER B 242 13.33 -7.69 28.86
C SER B 242 14.54 -8.44 29.41
N ILE B 243 14.48 -9.77 29.33
CA ILE B 243 15.54 -10.61 29.87
C ILE B 243 16.63 -10.76 28.81
N ASP B 244 17.59 -9.83 28.87
CA ASP B 244 18.67 -9.73 27.89
C ASP B 244 19.34 -11.06 27.53
N GLU B 245 19.66 -11.87 28.53
CA GLU B 245 20.32 -13.17 28.31
C GLU B 245 19.49 -14.12 27.45
N GLN B 246 18.17 -13.95 27.49
CA GLN B 246 17.26 -14.78 26.71
C GLN B 246 16.77 -14.09 25.44
N GLN B 247 16.81 -12.76 25.41
CA GLN B 247 16.22 -11.94 24.34
C GLN B 247 14.71 -12.18 24.23
N ARG B 248 14.09 -12.37 25.39
CA ARG B 248 12.66 -12.70 25.50
C ARG B 248 12.05 -11.83 26.62
N ASP B 249 10.84 -11.31 26.37
CA ASP B 249 10.16 -10.43 27.34
C ASP B 249 9.25 -11.19 28.31
N TYR B 250 9.42 -10.89 29.60
CA TYR B 250 8.60 -11.50 30.65
C TYR B 250 7.84 -10.44 31.45
N TYR B 251 6.68 -10.82 31.97
CA TYR B 251 5.89 -9.94 32.83
C TYR B 251 5.33 -10.72 34.03
N ALA B 252 4.94 -9.99 35.08
CA ALA B 252 4.27 -10.61 36.21
C ALA B 252 3.20 -9.68 36.77
N ILE B 253 2.17 -10.27 37.39
CA ILE B 253 1.09 -9.48 37.99
C ILE B 253 1.26 -9.41 39.50
N GLY B 254 1.19 -8.20 40.03
CA GLY B 254 1.30 -7.97 41.47
C GLY B 254 0.74 -6.64 41.89
N THR B 255 1.15 -6.16 43.05
CA THR B 255 0.70 -4.87 43.58
C THR B 255 1.90 -4.00 43.88
N TYR B 256 1.77 -2.70 43.63
CA TYR B 256 2.83 -1.72 43.90
C TYR B 256 2.38 -0.69 44.91
N ASP B 257 3.13 -0.55 46.00
CA ASP B 257 2.81 0.41 47.05
C ASP B 257 3.65 1.69 46.94
N LEU B 258 2.98 2.82 46.74
CA LEU B 258 3.65 4.11 46.57
C LEU B 258 4.54 4.52 47.75
N GLY B 259 4.08 4.23 48.97
CA GLY B 259 4.82 4.59 50.17
C GLY B 259 6.12 3.79 50.30
N THR B 260 6.01 2.48 50.17
CA THR B 260 7.15 1.59 50.37
C THR B 260 8.05 1.48 49.11
N ASN B 261 7.48 1.82 47.96
CA ASN B 261 8.12 1.70 46.63
C ASN B 261 8.48 0.27 46.22
N LYS B 262 7.78 -0.70 46.81
CA LYS B 262 8.00 -2.10 46.46
C LYS B 262 6.89 -2.62 45.55
N TRP B 263 7.28 -3.40 44.55
CA TRP B 263 6.33 -4.18 43.77
C TRP B 263 6.44 -5.62 44.24
N THR B 264 5.31 -6.23 44.56
CA THR B 264 5.28 -7.59 45.07
C THR B 264 4.51 -8.49 44.11
N PRO B 265 5.08 -9.67 43.77
CA PRO B 265 4.37 -10.59 42.89
C PRO B 265 3.18 -11.24 43.58
N ASP B 266 2.07 -11.38 42.83
CA ASP B 266 0.90 -12.11 43.30
C ASP B 266 1.21 -13.59 43.41
N ASN B 267 2.12 -14.04 42.55
CA ASN B 267 2.61 -15.41 42.56
C ASN B 267 4.13 -15.39 42.40
N PRO B 268 4.87 -15.61 43.51
CA PRO B 268 6.34 -15.60 43.50
C PRO B 268 6.98 -16.69 42.63
N GLU B 269 6.25 -17.79 42.40
CA GLU B 269 6.73 -18.86 41.54
C GLU B 269 6.68 -18.48 40.06
N GLU B 270 6.03 -17.35 39.76
CA GLU B 270 5.95 -16.81 38.40
C GLU B 270 6.37 -15.35 38.37
N ASP B 271 7.42 -15.03 39.12
CA ASP B 271 7.96 -13.67 39.23
C ASP B 271 8.53 -13.20 37.89
N VAL B 272 8.96 -11.94 37.84
CA VAL B 272 9.51 -11.35 36.62
C VAL B 272 10.71 -12.17 36.16
N GLY B 273 10.69 -12.61 34.91
CA GLY B 273 11.80 -13.35 34.33
C GLY B 273 11.68 -14.85 34.45
N ILE B 274 10.81 -15.34 35.33
CA ILE B 274 10.65 -16.77 35.56
C ILE B 274 9.21 -17.28 35.42
N GLY B 275 8.33 -16.48 34.81
CA GLY B 275 6.94 -16.87 34.63
C GLY B 275 6.41 -16.62 33.23
N LEU B 276 5.35 -15.84 33.13
CA LEU B 276 4.65 -15.63 31.87
C LEU B 276 5.34 -14.63 30.94
N ARG B 277 5.08 -14.79 29.64
CA ARG B 277 5.53 -13.84 28.64
C ARG B 277 4.33 -13.15 27.98
N TYR B 278 4.56 -11.96 27.45
CA TYR B 278 3.58 -11.34 26.57
C TYR B 278 3.38 -12.22 25.35
N ASP B 279 4.49 -12.74 24.83
CA ASP B 279 4.53 -13.50 23.58
C ASP B 279 5.59 -14.57 23.68
N TRP B 280 5.27 -15.77 23.21
CA TRP B 280 6.16 -16.92 23.33
C TRP B 280 7.05 -17.11 22.10
N GLY B 281 6.94 -16.18 21.15
CA GLY B 281 7.76 -16.19 19.95
C GLY B 281 8.84 -15.12 19.93
N LYS B 282 9.08 -14.55 18.76
CA LYS B 282 10.08 -13.50 18.60
C LYS B 282 9.44 -12.13 18.82
N TYR B 283 9.70 -11.56 19.99
CA TYR B 283 8.97 -10.41 20.51
C TYR B 283 9.83 -9.82 21.60
N TYR B 284 10.33 -8.60 21.38
CA TYR B 284 11.31 -8.03 22.30
C TYR B 284 11.20 -6.52 22.56
N ALA B 285 11.79 -6.09 23.68
CA ALA B 285 11.89 -4.68 24.07
C ALA B 285 10.55 -3.95 24.04
N SER B 286 9.51 -4.63 24.53
CA SER B 286 8.17 -4.09 24.52
C SER B 286 8.01 -2.91 25.47
N LYS B 287 7.26 -1.91 24.99
CA LYS B 287 6.89 -0.73 25.77
C LYS B 287 5.41 -0.47 25.62
N THR B 288 4.78 -0.07 26.72
CA THR B 288 3.37 0.34 26.70
C THR B 288 3.26 1.84 26.86
N PHE B 289 2.07 2.37 26.56
CA PHE B 289 1.75 3.77 26.79
C PHE B 289 0.24 3.89 26.95
N TYR B 290 -0.21 4.94 27.64
CA TYR B 290 -1.64 5.16 27.82
C TYR B 290 -2.23 5.91 26.63
N ASP B 291 -3.32 5.37 26.09
CA ASP B 291 -4.07 6.01 25.02
C ASP B 291 -5.31 6.70 25.60
N PRO B 292 -5.30 8.04 25.66
CA PRO B 292 -6.43 8.79 26.23
C PRO B 292 -7.67 8.82 25.32
N LYS B 293 -7.46 8.72 24.01
CA LYS B 293 -8.58 8.79 23.07
C LYS B 293 -9.58 7.65 23.29
N LYS B 294 -9.09 6.42 23.32
CA LYS B 294 -9.95 5.25 23.53
C LYS B 294 -9.75 4.60 24.91
N GLN B 295 -8.95 5.26 25.76
CA GLN B 295 -8.65 4.79 27.12
C GLN B 295 -8.11 3.35 27.14
N ARG B 296 -7.02 3.16 26.42
CA ARG B 296 -6.38 1.85 26.30
C ARG B 296 -4.96 1.92 26.83
N ARG B 297 -4.40 0.76 27.15
CA ARG B 297 -2.97 0.63 27.26
C ARG B 297 -2.52 -0.21 26.09
N VAL B 298 -1.62 0.35 25.27
CA VAL B 298 -1.20 -0.27 24.03
C VAL B 298 0.27 -0.68 24.13
N VAL B 299 0.58 -1.91 23.70
CA VAL B 299 1.93 -2.44 23.78
C VAL B 299 2.63 -2.54 22.41
N TRP B 300 3.78 -1.90 22.31
CA TRP B 300 4.63 -1.96 21.12
C TRP B 300 5.75 -2.96 21.35
N ALA B 301 6.19 -3.64 20.29
CA ALA B 301 7.29 -4.60 20.36
C ALA B 301 7.73 -4.99 18.96
N TRP B 302 9.02 -5.24 18.79
CA TRP B 302 9.58 -5.56 17.48
C TRP B 302 9.93 -7.04 17.33
N THR B 303 9.86 -7.51 16.09
CA THR B 303 10.22 -8.88 15.77
C THR B 303 11.42 -8.89 14.83
N LYS B 304 12.55 -9.34 15.36
CA LYS B 304 13.80 -9.46 14.61
C LYS B 304 13.63 -10.38 13.42
N GLU B 305 14.46 -10.19 12.40
CA GLU B 305 14.56 -11.14 11.30
C GLU B 305 14.98 -12.48 11.88
N LEU B 306 14.47 -13.56 11.29
CA LEU B 306 14.90 -14.90 11.69
C LEU B 306 15.66 -15.60 10.56
N ASP B 307 16.07 -14.82 9.57
CA ASP B 307 16.88 -15.34 8.45
C ASP B 307 18.34 -14.91 8.60
N SER B 308 19.17 -15.26 7.61
CA SER B 308 20.60 -14.96 7.64
C SER B 308 20.85 -13.47 7.42
N GLU B 309 22.00 -13.00 7.93
CA GLU B 309 22.39 -11.60 7.82
C GLU B 309 22.68 -11.23 6.38
N VAL B 310 23.05 -12.24 5.60
CA VAL B 310 23.42 -12.08 4.19
C VAL B 310 22.16 -11.71 3.39
N ALA B 311 21.06 -12.37 3.72
CA ALA B 311 19.76 -12.08 3.10
C ALA B 311 19.26 -10.69 3.49
N ASP B 312 19.53 -10.30 4.73
CA ASP B 312 19.17 -8.97 5.23
C ASP B 312 19.90 -7.90 4.45
N ARG B 313 21.21 -8.08 4.27
CA ARG B 313 22.05 -7.13 3.52
C ARG B 313 21.62 -7.07 2.07
N GLU B 314 21.24 -8.22 1.53
CA GLU B 314 20.78 -8.34 0.15
C GLU B 314 19.51 -7.53 -0.08
N LYS B 315 18.54 -7.68 0.83
CA LYS B 315 17.24 -7.01 0.71
C LYS B 315 17.28 -5.56 1.19
N GLY B 316 18.28 -5.23 1.99
CA GLY B 316 18.52 -3.86 2.41
C GLY B 316 17.70 -3.36 3.59
N TRP B 317 17.09 -4.28 4.33
CA TRP B 317 16.27 -3.95 5.51
C TRP B 317 16.17 -5.12 6.48
N ALA B 318 15.80 -4.83 7.73
CA ALA B 318 15.69 -5.86 8.76
C ALA B 318 14.74 -5.48 9.90
N ASN B 319 13.92 -6.45 10.29
CA ASN B 319 12.99 -6.38 11.45
C ASN B 319 11.72 -5.55 11.24
N VAL B 320 10.62 -6.04 11.79
CA VAL B 320 9.34 -5.33 11.77
C VAL B 320 8.77 -5.16 13.18
N GLN B 321 7.84 -4.22 13.32
CA GLN B 321 7.05 -4.11 14.55
C GLN B 321 5.81 -4.98 14.38
N THR B 322 5.37 -5.61 15.46
CA THR B 322 4.07 -6.27 15.44
C THR B 322 2.99 -5.19 15.43
N ILE B 323 1.78 -5.56 15.02
CA ILE B 323 0.64 -4.68 15.19
C ILE B 323 0.53 -4.42 16.69
N PRO B 324 0.38 -3.14 17.09
CA PRO B 324 0.26 -2.81 18.50
C PRO B 324 -0.95 -3.49 19.11
N ARG B 325 -0.83 -3.88 20.37
CA ARG B 325 -1.86 -4.68 21.04
C ARG B 325 -2.37 -4.01 22.31
N THR B 326 -3.62 -4.24 22.66
CA THR B 326 -4.15 -3.75 23.94
C THR B 326 -3.71 -4.67 25.07
N VAL B 327 -3.40 -4.07 26.22
CA VAL B 327 -3.09 -4.81 27.44
C VAL B 327 -4.23 -4.68 28.43
N LEU B 328 -4.85 -5.80 28.75
CA LEU B 328 -5.85 -5.83 29.81
C LEU B 328 -5.59 -7.03 30.71
N LEU B 329 -6.02 -6.93 31.95
CA LEU B 329 -5.98 -8.07 32.85
C LEU B 329 -7.08 -9.06 32.45
N ASP B 330 -6.73 -10.34 32.37
CA ASP B 330 -7.70 -11.40 32.11
C ASP B 330 -8.53 -11.59 33.35
N GLN B 331 -9.73 -11.03 33.35
CA GLN B 331 -10.59 -11.05 34.54
C GLN B 331 -11.26 -12.41 34.79
N LYS B 332 -11.17 -13.30 33.80
CA LYS B 332 -11.69 -14.67 33.93
C LYS B 332 -10.74 -15.59 34.71
N THR B 333 -9.44 -15.41 34.52
CA THR B 333 -8.45 -16.18 35.28
C THR B 333 -7.93 -15.40 36.49
N GLY B 334 -7.66 -14.10 36.27
CA GLY B 334 -7.07 -13.24 37.30
C GLY B 334 -5.55 -13.33 37.38
N THR B 335 -4.97 -14.20 36.56
CA THR B 335 -3.56 -14.59 36.70
C THR B 335 -2.73 -14.44 35.42
N ASN B 336 -3.29 -13.76 34.42
CA ASN B 336 -2.55 -13.39 33.21
C ASN B 336 -3.10 -12.13 32.55
N VAL B 337 -2.39 -11.59 31.57
CA VAL B 337 -2.92 -10.47 30.81
C VAL B 337 -3.62 -10.97 29.54
N LEU B 338 -4.42 -10.11 28.94
CA LEU B 338 -4.96 -10.37 27.60
C LEU B 338 -4.31 -9.41 26.62
N LEU B 339 -3.69 -9.95 25.58
CA LEU B 339 -3.13 -9.15 24.51
C LEU B 339 -3.92 -9.35 23.22
N TRP B 340 -4.31 -8.25 22.59
CA TRP B 340 -5.17 -8.31 21.41
C TRP B 340 -4.82 -7.18 20.46
N PRO B 341 -4.72 -7.47 19.14
CA PRO B 341 -4.40 -6.42 18.18
C PRO B 341 -5.40 -5.27 18.28
N VAL B 342 -4.89 -4.04 18.22
CA VAL B 342 -5.74 -2.86 18.26
C VAL B 342 -6.88 -2.99 17.26
N GLU B 343 -8.08 -2.60 17.70
CA GLU B 343 -9.29 -2.72 16.88
C GLU B 343 -9.18 -2.05 15.50
N GLU B 344 -8.25 -1.11 15.35
CA GLU B 344 -8.03 -0.42 14.08
C GLU B 344 -7.39 -1.30 13.01
N VAL B 345 -6.79 -2.41 13.43
CA VAL B 345 -6.30 -3.40 12.47
C VAL B 345 -7.46 -3.89 11.59
N GLU B 346 -8.66 -3.88 12.15
CA GLU B 346 -9.87 -4.32 11.45
C GLU B 346 -10.26 -3.41 10.29
N SER B 347 -9.80 -2.16 10.30
CA SER B 347 -10.07 -1.25 9.20
C SER B 347 -9.36 -1.69 7.90
N LEU B 348 -8.48 -2.68 8.03
CA LEU B 348 -7.74 -3.22 6.89
C LEU B 348 -8.50 -4.33 6.17
N ARG B 349 -9.49 -4.90 6.85
CA ARG B 349 -10.28 -6.00 6.31
C ARG B 349 -11.03 -5.60 5.04
N LEU B 350 -10.89 -6.42 4.00
CA LEU B 350 -11.56 -6.18 2.72
C LEU B 350 -12.81 -7.06 2.57
N SER B 351 -12.60 -8.34 2.32
CA SER B 351 -13.71 -9.30 2.17
C SER B 351 -13.52 -10.47 3.13
N SER B 352 -14.62 -11.13 3.47
CA SER B 352 -14.60 -12.28 4.36
C SER B 352 -15.20 -13.53 3.70
N LYS B 353 -14.60 -14.68 3.99
CA LYS B 353 -15.17 -15.96 3.59
C LYS B 353 -15.30 -16.86 4.80
N GLU B 354 -16.45 -17.48 4.96
CA GLU B 354 -16.71 -18.33 6.12
C GLU B 354 -16.64 -19.82 5.78
N PHE B 355 -16.13 -20.58 6.73
CA PHE B 355 -16.13 -22.03 6.65
C PHE B 355 -16.81 -22.52 7.90
N SER B 356 -18.02 -23.05 7.73
CA SER B 356 -18.90 -23.37 8.84
C SER B 356 -18.90 -24.86 9.14
N LYS B 357 -18.52 -25.21 10.38
CA LYS B 357 -18.52 -26.57 10.90
C LYS B 357 -17.85 -27.57 9.94
N VAL B 358 -16.60 -27.27 9.59
CA VAL B 358 -15.76 -28.14 8.76
C VAL B 358 -15.25 -29.30 9.60
N LYS B 359 -15.29 -30.51 9.04
CA LYS B 359 -14.85 -31.70 9.75
C LYS B 359 -13.45 -32.10 9.32
N ALA B 360 -12.60 -32.37 10.31
CA ALA B 360 -11.26 -32.86 10.06
C ALA B 360 -11.03 -34.12 10.87
N GLY B 361 -11.00 -35.26 10.19
CA GLY B 361 -10.75 -36.55 10.82
C GLY B 361 -9.33 -36.66 11.32
N ALA B 362 -8.99 -37.81 11.92
CA ALA B 362 -7.65 -38.04 12.43
C ALA B 362 -6.66 -38.21 11.27
N GLY B 363 -5.59 -37.43 11.30
CA GLY B 363 -4.53 -37.51 10.29
C GLY B 363 -4.91 -36.93 8.93
N SER B 364 -5.74 -35.88 8.95
CA SER B 364 -6.24 -35.31 7.70
C SER B 364 -5.78 -33.87 7.47
N VAL B 365 -5.83 -33.47 6.20
CA VAL B 365 -5.51 -32.12 5.78
C VAL B 365 -6.65 -31.63 4.88
N VAL B 366 -7.33 -30.58 5.34
CA VAL B 366 -8.45 -29.98 4.60
C VAL B 366 -8.02 -28.63 4.02
N PRO B 367 -8.03 -28.50 2.68
CA PRO B 367 -7.66 -27.24 2.03
C PRO B 367 -8.72 -26.16 2.18
N LEU B 368 -8.30 -24.93 2.47
CA LEU B 368 -9.22 -23.81 2.64
C LEU B 368 -9.06 -22.78 1.52
N ASP B 369 -9.92 -22.88 0.50
CA ASP B 369 -9.83 -22.00 -0.66
C ASP B 369 -10.26 -20.58 -0.33
N VAL B 370 -9.28 -19.74 -0.01
CA VAL B 370 -9.52 -18.34 0.31
C VAL B 370 -9.02 -17.41 -0.80
N GLY B 371 -8.24 -17.98 -1.72
CA GLY B 371 -7.62 -17.21 -2.79
C GLY B 371 -6.14 -17.02 -2.49
N THR B 372 -5.72 -15.76 -2.41
CA THR B 372 -4.37 -15.42 -2.00
C THR B 372 -4.31 -15.55 -0.48
N ALA B 373 -3.20 -16.06 0.05
CA ALA B 373 -3.07 -16.30 1.48
C ALA B 373 -1.80 -15.70 2.09
N THR B 374 -1.45 -14.49 1.66
CA THR B 374 -0.25 -13.80 2.14
C THR B 374 -0.59 -12.57 3.00
N GLN B 375 -1.84 -12.14 2.93
CA GLN B 375 -2.33 -10.99 3.71
C GLN B 375 -3.69 -11.32 4.33
N LEU B 376 -3.68 -11.95 5.50
CA LEU B 376 -4.90 -12.50 6.11
C LEU B 376 -5.14 -12.13 7.58
N ASP B 377 -6.42 -12.10 7.94
CA ASP B 377 -6.87 -12.08 9.32
C ASP B 377 -7.78 -13.30 9.53
N ILE B 378 -7.33 -14.26 10.35
CA ILE B 378 -8.06 -15.53 10.54
C ILE B 378 -8.56 -15.69 11.97
N ILE B 379 -9.85 -15.98 12.11
CA ILE B 379 -10.43 -16.29 13.41
C ILE B 379 -11.13 -17.66 13.35
N ALA B 380 -10.58 -18.61 14.09
CA ALA B 380 -11.05 -19.98 14.05
C ALA B 380 -11.37 -20.51 15.43
N GLU B 381 -12.48 -21.23 15.54
CA GLU B 381 -12.84 -21.96 16.74
C GLU B 381 -12.75 -23.46 16.46
N PHE B 382 -12.33 -24.22 17.46
CA PHE B 382 -12.14 -25.67 17.30
C PHE B 382 -12.85 -26.40 18.41
N GLU B 383 -13.43 -27.55 18.08
CA GLU B 383 -14.03 -28.45 19.06
C GLU B 383 -13.58 -29.86 18.79
N ILE B 384 -13.32 -30.60 19.87
CA ILE B 384 -13.10 -32.04 19.77
C ILE B 384 -14.45 -32.74 19.87
N ASP B 385 -14.75 -33.59 18.88
CA ASP B 385 -16.02 -34.34 18.79
C ASP B 385 -16.15 -35.42 19.87
N LYS B 386 -17.37 -35.99 19.97
CA LYS B 386 -17.66 -37.08 20.91
C LYS B 386 -16.99 -38.39 20.52
N GLY B 398 6.80 -35.25 29.94
CA GLY B 398 5.88 -34.14 29.75
C GLY B 398 6.04 -33.48 28.38
N TYR B 399 4.92 -33.12 27.76
CA TYR B 399 4.93 -32.40 26.50
C TYR B 399 5.38 -30.97 26.71
N ASN B 400 5.97 -30.40 25.66
CA ASN B 400 6.60 -29.09 25.69
C ASN B 400 6.83 -28.72 24.23
N CYS B 401 6.19 -27.64 23.76
CA CYS B 401 6.32 -27.26 22.33
C CYS B 401 7.80 -27.23 21.91
N THR B 402 8.62 -26.51 22.67
CA THR B 402 10.05 -26.34 22.37
C THR B 402 10.75 -27.66 22.02
N THR B 403 10.53 -28.69 22.83
CA THR B 403 11.19 -29.98 22.66
C THR B 403 10.35 -30.97 21.86
N SER B 404 9.18 -30.54 21.39
CA SER B 404 8.31 -31.41 20.61
C SER B 404 8.79 -31.50 19.15
N GLY B 405 8.19 -32.42 18.40
CA GLY B 405 8.47 -32.51 16.97
C GLY B 405 7.49 -31.70 16.16
N GLY B 406 6.82 -30.75 16.81
CA GLY B 406 5.79 -29.91 16.17
C GLY B 406 4.62 -30.72 15.64
N ALA B 407 4.18 -30.39 14.43
CA ALA B 407 3.03 -31.03 13.80
C ALA B 407 3.22 -32.52 13.55
N ALA B 408 4.47 -32.96 13.46
CA ALA B 408 4.80 -34.36 13.18
C ALA B 408 4.67 -35.25 14.42
N GLU B 409 4.73 -34.65 15.61
CA GLU B 409 4.55 -35.42 16.84
C GLU B 409 3.06 -35.65 17.10
N ARG B 410 2.58 -36.80 16.63
CA ARG B 410 1.19 -37.17 16.79
C ARG B 410 0.93 -37.73 18.19
N GLY B 411 -0.19 -37.30 18.78
CA GLY B 411 -0.64 -37.77 20.08
C GLY B 411 -2.13 -38.02 20.03
N VAL B 412 -2.70 -38.49 21.14
CA VAL B 412 -4.10 -38.88 21.18
C VAL B 412 -5.02 -37.71 20.88
N LEU B 413 -4.74 -36.55 21.49
CA LEU B 413 -5.59 -35.37 21.33
C LEU B 413 -4.86 -34.15 20.75
N GLY B 414 -3.98 -34.40 19.79
CA GLY B 414 -3.23 -33.34 19.11
C GLY B 414 -2.13 -33.90 18.23
N PRO B 415 -1.52 -33.05 17.38
CA PRO B 415 -1.81 -31.64 17.15
C PRO B 415 -2.95 -31.42 16.15
N PHE B 416 -3.66 -30.31 16.31
CA PHE B 416 -4.63 -29.85 15.32
C PHE B 416 -4.69 -28.33 15.29
N GLY B 417 -5.02 -27.79 14.11
CA GLY B 417 -5.10 -26.35 13.92
C GLY B 417 -5.01 -26.00 12.45
N LEU B 418 -4.16 -25.01 12.15
CA LEU B 418 -4.05 -24.48 10.80
C LEU B 418 -2.64 -24.53 10.26
N LEU B 419 -2.53 -24.62 8.93
CA LEU B 419 -1.26 -24.51 8.25
C LEU B 419 -1.30 -23.23 7.43
N VAL B 420 -0.44 -22.28 7.76
CA VAL B 420 -0.28 -21.04 6.99
C VAL B 420 1.02 -21.11 6.20
N SER B 421 1.24 -20.10 5.34
CA SER B 421 2.38 -20.09 4.43
C SER B 421 2.70 -21.51 3.96
N ALA B 422 1.69 -22.16 3.43
CA ALA B 422 1.81 -23.53 2.96
C ALA B 422 1.74 -23.59 1.46
N THR B 423 2.37 -24.62 0.92
CA THR B 423 2.47 -24.84 -0.50
C THR B 423 1.41 -25.90 -0.84
N GLU B 424 1.12 -26.11 -2.12
CA GLU B 424 0.10 -27.09 -2.54
C GLU B 424 0.36 -28.52 -2.03
N ASN B 425 1.59 -28.99 -2.19
CA ASN B 425 1.97 -30.35 -1.83
C ASN B 425 2.59 -30.46 -0.44
N LEU B 426 2.49 -29.38 0.34
CA LEU B 426 2.96 -29.33 1.72
C LEU B 426 4.48 -29.41 1.89
N SER B 427 5.21 -29.17 0.80
CA SER B 427 6.68 -29.15 0.82
C SER B 427 7.19 -28.00 1.71
N GLU B 428 6.38 -26.96 1.87
CA GLU B 428 6.62 -25.91 2.85
C GLU B 428 5.34 -25.66 3.65
N GLN B 429 5.47 -25.51 4.97
CA GLN B 429 4.31 -25.31 5.84
C GLN B 429 4.66 -24.71 7.21
N THR B 430 3.74 -23.91 7.74
CA THR B 430 3.88 -23.31 9.06
C THR B 430 2.63 -23.62 9.89
N PRO B 431 2.68 -24.69 10.69
CA PRO B 431 1.58 -25.06 11.57
C PRO B 431 1.41 -24.13 12.77
N VAL B 432 0.19 -23.66 12.99
CA VAL B 432 -0.20 -23.05 14.25
C VAL B 432 -1.27 -23.98 14.80
N TYR B 433 -1.03 -24.51 16.00
CA TYR B 433 -1.84 -25.64 16.48
C TYR B 433 -2.08 -25.73 17.99
N PHE B 434 -3.10 -26.49 18.36
CA PHE B 434 -3.37 -26.85 19.74
C PHE B 434 -2.96 -28.31 19.95
N TYR B 435 -2.44 -28.62 21.13
CA TYR B 435 -2.15 -30.01 21.51
C TYR B 435 -2.61 -30.21 22.94
N ILE B 436 -3.56 -31.11 23.13
CA ILE B 436 -4.11 -31.39 24.45
C ILE B 436 -3.43 -32.62 25.06
N ALA B 437 -2.78 -32.42 26.20
CA ALA B 437 -1.96 -33.46 26.83
C ALA B 437 -2.39 -33.79 28.26
N LYS B 438 -2.29 -35.08 28.62
CA LYS B 438 -2.48 -35.53 30.00
C LYS B 438 -1.28 -35.18 30.87
N ASN B 443 -7.22 -33.85 34.76
CA ASN B 443 -5.97 -33.09 34.66
C ASN B 443 -5.49 -32.98 33.20
N PHE B 444 -5.79 -31.85 32.57
CA PHE B 444 -5.50 -31.66 31.15
C PHE B 444 -4.87 -30.30 30.85
N LYS B 445 -3.74 -30.34 30.16
CA LYS B 445 -3.05 -29.12 29.75
C LYS B 445 -3.27 -28.91 28.26
N THR B 446 -3.62 -27.67 27.89
CA THR B 446 -3.73 -27.29 26.49
C THR B 446 -2.49 -26.52 26.08
N PHE B 447 -1.83 -26.98 25.03
CA PHE B 447 -0.66 -26.31 24.48
C PHE B 447 -1.04 -25.59 23.21
N PHE B 448 -0.45 -24.42 23.01
CA PHE B 448 -0.61 -23.64 21.80
C PHE B 448 0.79 -23.40 21.23
N CYS B 449 1.06 -23.96 20.06
CA CYS B 449 2.41 -23.86 19.47
C CYS B 449 2.45 -23.36 18.02
N LEU B 450 3.63 -22.89 17.62
CA LEU B 450 3.94 -22.53 16.24
C LEU B 450 5.20 -23.29 15.79
N ASP B 451 5.10 -23.96 14.64
CA ASP B 451 6.12 -24.89 14.16
C ASP B 451 6.87 -24.32 12.93
N GLU B 452 8.10 -23.88 13.14
CA GLU B 452 8.90 -23.28 12.06
C GLU B 452 9.72 -24.31 11.29
N SER B 453 9.75 -25.54 11.78
CA SER B 453 10.69 -26.58 11.30
C SER B 453 10.62 -26.92 9.81
N ARG B 454 9.50 -26.60 9.18
CA ARG B 454 9.32 -26.89 7.76
C ARG B 454 8.79 -25.69 6.98
N SER B 455 8.87 -24.50 7.59
CA SER B 455 8.41 -23.24 7.00
C SER B 455 9.09 -22.91 5.68
N SER B 456 10.36 -23.28 5.56
CA SER B 456 11.16 -22.95 4.39
C SER B 456 12.08 -24.11 4.02
N LYS B 457 12.40 -24.21 2.74
CA LYS B 457 13.35 -25.19 2.24
C LYS B 457 14.79 -24.74 2.49
N ALA B 458 14.96 -23.42 2.67
CA ALA B 458 16.25 -22.82 2.98
C ALA B 458 16.70 -23.24 4.37
N SER B 459 17.95 -23.68 4.48
CA SER B 459 18.45 -24.16 5.77
C SER B 459 18.92 -23.04 6.72
N ASP B 460 19.28 -21.89 6.16
CA ASP B 460 19.80 -20.78 6.97
C ASP B 460 18.73 -19.84 7.54
N VAL B 461 17.61 -20.42 7.99
CA VAL B 461 16.56 -19.68 8.70
C VAL B 461 16.16 -20.45 9.96
N SER B 462 15.47 -19.78 10.87
CA SER B 462 15.03 -20.40 12.13
C SER B 462 14.05 -21.54 11.90
N LYS B 463 14.32 -22.69 12.52
CA LYS B 463 13.50 -23.90 12.38
C LYS B 463 12.97 -24.42 13.72
N GLN B 464 12.73 -23.52 14.67
CA GLN B 464 12.32 -23.89 16.03
C GLN B 464 10.81 -24.06 16.17
N VAL B 465 10.40 -24.74 17.23
CA VAL B 465 8.99 -24.88 17.58
C VAL B 465 8.74 -24.05 18.83
N LYS B 466 7.95 -22.98 18.69
CA LYS B 466 7.72 -22.04 19.78
C LYS B 466 6.33 -22.24 20.37
N GLY B 467 6.18 -22.01 21.68
CA GLY B 467 4.88 -22.11 22.32
C GLY B 467 4.88 -22.32 23.82
N PHE B 468 3.69 -22.52 24.38
CA PHE B 468 3.49 -22.70 25.83
C PHE B 468 2.09 -23.26 26.07
N THR B 469 1.76 -23.52 27.33
CA THR B 469 0.38 -23.85 27.71
C THR B 469 -0.51 -22.61 27.56
N VAL B 470 -1.81 -22.85 27.47
CA VAL B 470 -2.79 -21.76 27.46
C VAL B 470 -3.97 -22.20 28.32
N PRO B 471 -4.48 -21.29 29.17
CA PRO B 471 -5.66 -21.64 29.97
C PRO B 471 -6.93 -21.72 29.13
N VAL B 472 -7.58 -22.88 29.15
CA VAL B 472 -8.88 -23.08 28.53
C VAL B 472 -9.93 -23.36 29.59
N LEU B 473 -10.82 -22.40 29.79
CA LEU B 473 -11.84 -22.50 30.83
C LEU B 473 -13.03 -23.30 30.35
N ASP B 474 -13.90 -23.67 31.28
CA ASP B 474 -15.08 -24.48 30.97
C ASP B 474 -16.01 -23.75 30.00
N GLY B 475 -16.57 -24.52 29.07
CA GLY B 475 -17.49 -23.98 28.06
C GLY B 475 -16.83 -23.28 26.89
N GLU B 476 -15.52 -23.07 26.99
CA GLU B 476 -14.77 -22.39 25.94
C GLU B 476 -14.33 -23.34 24.85
N LYS B 477 -14.51 -22.91 23.60
CA LYS B 477 -13.94 -23.61 22.46
C LYS B 477 -12.46 -23.25 22.37
N PHE B 478 -11.71 -24.03 21.59
CA PHE B 478 -10.33 -23.68 21.28
C PHE B 478 -10.35 -22.60 20.18
N THR B 479 -9.92 -21.40 20.53
CA THR B 479 -9.95 -20.29 19.58
C THR B 479 -8.56 -19.75 19.29
N MET B 480 -8.29 -19.52 18.02
CA MET B 480 -7.06 -18.84 17.63
C MET B 480 -7.37 -17.72 16.66
N ARG B 481 -6.57 -16.66 16.72
CA ARG B 481 -6.61 -15.60 15.71
C ARG B 481 -5.23 -15.52 15.10
N LEU B 482 -5.22 -15.45 13.77
CA LEU B 482 -3.97 -15.38 13.02
C LEU B 482 -3.92 -14.12 12.17
N LEU B 483 -2.95 -13.27 12.43
CA LEU B 483 -2.62 -12.19 11.51
C LEU B 483 -1.45 -12.65 10.65
N VAL B 484 -1.74 -12.97 9.40
CA VAL B 484 -0.74 -13.34 8.40
C VAL B 484 -0.45 -12.11 7.53
N ASP B 485 0.84 -11.80 7.39
CA ASP B 485 1.29 -10.66 6.61
C ASP B 485 2.69 -10.96 6.10
N HIS B 486 2.76 -11.62 4.95
CA HIS B 486 4.03 -11.95 4.31
C HIS B 486 5.00 -12.66 5.27
N SER B 487 6.18 -12.09 5.50
CA SER B 487 7.20 -12.73 6.32
C SER B 487 6.95 -12.68 7.86
N ILE B 488 5.78 -12.20 8.27
CA ILE B 488 5.44 -12.22 9.69
C ILE B 488 4.09 -12.90 9.96
N VAL B 489 4.08 -13.78 10.97
CA VAL B 489 2.86 -14.43 11.43
C VAL B 489 2.66 -14.10 12.91
N GLU B 490 1.48 -13.57 13.23
CA GLU B 490 1.10 -13.31 14.62
C GLU B 490 -0.08 -14.19 14.99
N SER B 491 0.06 -14.96 16.06
CA SER B 491 -1.03 -15.84 16.50
C SER B 491 -1.48 -15.52 17.91
N PHE B 492 -2.78 -15.70 18.15
CA PHE B 492 -3.39 -15.40 19.45
C PHE B 492 -4.32 -16.53 19.84
N ALA B 493 -4.23 -16.98 21.08
CA ALA B 493 -5.10 -18.04 21.57
C ALA B 493 -5.97 -17.58 22.74
N GLN B 494 -7.24 -18.00 22.70
CA GLN B 494 -8.20 -17.77 23.77
C GLN B 494 -8.34 -16.29 24.10
N GLY B 495 -8.39 -15.46 23.05
CA GLY B 495 -8.52 -14.02 23.22
C GLY B 495 -7.22 -13.32 23.59
N GLY B 496 -6.10 -14.03 23.47
CA GLY B 496 -4.79 -13.47 23.77
C GLY B 496 -4.26 -13.77 25.16
N ARG B 497 -4.67 -14.91 25.72
CA ARG B 497 -4.10 -15.39 26.97
C ARG B 497 -2.68 -15.86 26.68
N SER B 498 -2.48 -16.33 25.46
CA SER B 498 -1.15 -16.71 24.98
C SER B 498 -0.99 -16.27 23.53
N CYS B 499 0.16 -15.67 23.21
CA CYS B 499 0.45 -15.22 21.84
C CYS B 499 1.78 -15.74 21.32
N ILE B 500 1.84 -16.05 20.02
CA ILE B 500 3.10 -16.46 19.40
C ILE B 500 3.32 -15.71 18.09
N THR B 501 4.37 -14.88 18.08
CA THR B 501 4.77 -14.16 16.87
C THR B 501 6.07 -14.73 16.32
N SER B 502 6.09 -15.01 15.03
CA SER B 502 7.27 -15.56 14.38
C SER B 502 7.45 -15.04 12.96
N ARG B 503 8.65 -15.23 12.40
CA ARG B 503 8.91 -14.84 11.01
C ARG B 503 9.06 -16.08 10.15
N VAL B 504 8.47 -16.03 8.96
CA VAL B 504 8.59 -17.13 7.98
C VAL B 504 9.25 -16.65 6.69
N TYR B 505 10.02 -17.55 6.07
CA TYR B 505 10.76 -17.20 4.87
C TYR B 505 10.65 -18.30 3.82
N PRO B 506 9.43 -18.54 3.30
CA PRO B 506 9.24 -19.64 2.36
C PRO B 506 9.97 -19.36 1.05
N THR B 507 10.46 -20.43 0.42
CA THR B 507 11.13 -20.33 -0.88
C THR B 507 10.13 -20.57 -2.02
N GLU B 508 9.02 -21.24 -1.69
CA GLU B 508 8.02 -21.61 -2.71
C GLU B 508 6.62 -21.10 -2.37
N ALA B 509 6.28 -21.12 -1.08
CA ALA B 509 4.98 -20.64 -0.58
C ALA B 509 4.93 -19.11 -0.54
N ILE B 510 5.02 -18.49 -1.71
CA ILE B 510 5.04 -17.03 -1.86
C ILE B 510 4.15 -16.65 -3.04
N TYR B 511 3.53 -15.47 -2.96
CA TYR B 511 2.59 -15.01 -3.97
C TYR B 511 1.39 -15.97 -4.09
N GLY B 512 0.93 -16.19 -5.31
CA GLY B 512 -0.23 -17.06 -5.57
C GLY B 512 -0.09 -18.49 -5.09
N ALA B 513 1.15 -18.92 -4.87
CA ALA B 513 1.44 -20.28 -4.43
C ALA B 513 1.25 -20.52 -2.92
N ALA B 514 1.13 -19.44 -2.15
CA ALA B 514 0.90 -19.57 -0.71
C ALA B 514 -0.54 -19.99 -0.43
N LYS B 515 -0.70 -21.04 0.34
CA LYS B 515 -2.01 -21.64 0.59
C LYS B 515 -2.31 -21.79 2.08
N LEU B 516 -3.56 -22.14 2.39
CA LEU B 516 -4.04 -22.25 3.77
C LEU B 516 -4.82 -23.56 3.96
N PHE B 517 -4.45 -24.30 5.01
CA PHE B 517 -5.08 -25.60 5.29
C PHE B 517 -5.56 -25.67 6.73
N LEU B 518 -6.60 -26.46 6.95
CA LEU B 518 -7.00 -26.90 8.29
C LEU B 518 -6.45 -28.31 8.48
N PHE B 519 -5.79 -28.58 9.59
CA PHE B 519 -5.23 -29.92 9.79
C PHE B 519 -5.54 -30.52 11.15
N ASN B 520 -5.66 -31.84 11.17
CA ASN B 520 -5.80 -32.62 12.39
C ASN B 520 -4.86 -33.79 12.31
N ASN B 521 -3.81 -33.77 13.13
CA ASN B 521 -2.82 -34.84 13.12
C ASN B 521 -2.84 -35.67 14.42
N ALA B 522 -3.94 -35.57 15.15
CA ALA B 522 -4.19 -36.40 16.31
C ALA B 522 -4.53 -37.82 15.85
N THR B 523 -4.24 -38.80 16.69
CA THR B 523 -4.50 -40.20 16.37
C THR B 523 -5.88 -40.64 16.85
N GLY B 524 -6.38 -39.99 17.90
CA GLY B 524 -7.60 -40.44 18.55
C GLY B 524 -8.69 -39.41 18.73
N ALA B 525 -8.77 -38.46 17.80
CA ALA B 525 -9.80 -37.43 17.84
C ALA B 525 -10.07 -36.87 16.46
N SER B 526 -11.34 -36.57 16.19
CA SER B 526 -11.71 -35.79 15.02
C SER B 526 -12.16 -34.41 15.52
N ILE B 527 -11.79 -33.36 14.81
CA ILE B 527 -12.16 -32.02 15.23
C ILE B 527 -13.19 -31.38 14.30
N THR B 528 -13.94 -30.43 14.84
CA THR B 528 -14.88 -29.64 14.06
C THR B 528 -14.53 -28.16 14.22
N ALA B 529 -14.26 -27.51 13.10
CA ALA B 529 -13.80 -26.12 13.12
C ALA B 529 -14.70 -25.16 12.34
N SER B 530 -14.74 -23.91 12.79
CA SER B 530 -15.41 -22.84 12.08
C SER B 530 -14.47 -21.63 11.94
N LEU B 531 -14.31 -21.14 10.71
CA LEU B 531 -13.35 -20.09 10.43
C LEU B 531 -13.99 -18.93 9.70
N LYS B 532 -13.52 -17.73 10.02
CA LYS B 532 -13.80 -16.55 9.22
C LYS B 532 -12.46 -15.96 8.79
N ILE B 533 -12.29 -15.78 7.48
CA ILE B 533 -11.02 -15.35 6.93
C ILE B 533 -11.19 -14.08 6.10
N TRP B 534 -10.49 -13.03 6.52
CA TRP B 534 -10.48 -11.75 5.81
C TRP B 534 -9.18 -11.53 5.06
N GLU B 535 -9.30 -11.14 3.79
CA GLU B 535 -8.19 -10.58 3.04
C GLU B 535 -7.88 -9.20 3.63
N MET B 536 -6.60 -8.90 3.81
CA MET B 536 -6.19 -7.64 4.42
C MET B 536 -5.53 -6.68 3.42
N ASN B 537 -5.92 -5.41 3.52
CA ASN B 537 -5.37 -4.35 2.67
C ASN B 537 -3.98 -3.92 3.12
N SER B 538 -3.29 -3.18 2.28
CA SER B 538 -2.05 -2.52 2.67
C SER B 538 -2.35 -1.40 3.66
N ALA B 539 -1.38 -1.11 4.52
CA ALA B 539 -1.50 0.02 5.45
C ALA B 539 -1.08 1.31 4.75
N PHE B 540 -0.54 1.19 3.54
CA PHE B 540 -0.06 2.32 2.73
C PHE B 540 0.92 3.23 3.46
N ILE B 541 1.90 2.62 4.13
CA ILE B 541 2.92 3.36 4.85
C ILE B 541 3.87 4.03 3.85
N GLN B 542 3.93 5.36 3.95
CA GLN B 542 4.62 6.23 3.01
C GLN B 542 5.16 7.44 3.79
N PRO B 543 5.86 8.38 3.11
CA PRO B 543 6.25 9.59 3.83
C PRO B 543 5.07 10.54 4.07
N PHE B 544 5.11 11.27 5.18
CA PHE B 544 4.04 12.21 5.54
C PHE B 544 3.79 13.26 4.47
N HIS B 545 2.52 13.35 4.05
CA HIS B 545 1.99 14.31 3.04
C HIS B 545 1.22 13.61 1.92
C1 NAG C . 7.24 27.25 -9.29
C2 NAG C . 5.88 27.41 -8.59
C3 NAG C . 5.82 28.66 -7.69
C4 NAG C . 7.09 28.79 -6.83
C5 NAG C . 8.29 28.76 -7.79
C6 NAG C . 9.64 29.01 -7.12
C7 NAG C . 3.79 26.65 -9.65
C8 NAG C . 2.88 26.84 -10.83
N2 NAG C . 4.88 27.44 -9.63
O3 NAG C . 4.67 28.67 -6.85
O4 NAG C . 7.05 29.95 -6.03
O5 NAG C . 8.32 27.48 -8.39
O6 NAG C . 10.05 27.86 -6.43
O7 NAG C . 3.52 25.83 -8.78
C1 FUC C . 3.75 29.69 -7.33
C2 FUC C . 2.38 29.64 -6.63
C3 FUC C . 2.40 30.33 -5.26
C4 FUC C . 3.03 31.72 -5.32
C5 FUC C . 4.41 31.65 -6.02
C6 FUC C . 5.07 33.01 -6.16
O2 FUC C . 1.91 28.28 -6.48
O3 FUC C . 1.05 30.45 -4.78
O4 FUC C . 2.15 32.60 -6.02
O5 FUC C . 4.28 31.04 -7.32
C1 NAG D . -5.45 31.43 -42.28
C2 NAG D . -4.96 30.90 -43.62
C3 NAG D . -4.41 32.05 -44.49
C4 NAG D . -5.41 33.19 -44.63
C5 NAG D . -5.79 33.62 -43.20
C6 NAG D . -6.80 34.77 -43.15
C7 NAG D . -3.86 28.76 -44.14
C8 NAG D . -2.69 27.86 -43.84
N2 NAG D . -3.92 29.90 -43.44
O3 NAG D . -4.00 31.58 -45.76
O4 NAG D . -4.83 34.26 -45.36
O5 NAG D . -6.33 32.52 -42.49
O6 NAG D . -7.97 34.39 -43.83
O7 NAG D . -4.68 28.42 -44.99
C1 NAG D . -5.65 34.71 -46.45
C2 NAG D . -5.29 36.17 -46.73
C3 NAG D . -6.00 36.74 -47.96
C4 NAG D . -6.10 35.79 -49.17
C5 NAG D . -6.27 34.33 -48.72
C6 NAG D . -5.99 33.35 -49.86
C7 NAG D . -4.75 37.45 -44.70
C8 NAG D . -5.32 38.23 -43.55
N2 NAG D . -5.64 36.96 -45.56
O3 NAG D . -5.35 37.94 -48.35
O4 NAG D . -7.21 36.20 -49.96
O5 NAG D . -5.42 34.00 -47.64
O6 NAG D . -6.68 32.14 -49.59
O7 NAG D . -3.54 37.30 -44.79
C1 BMA D . -7.03 36.42 -51.38
C2 BMA D . -7.53 37.81 -51.78
C3 BMA D . -7.29 38.17 -53.27
C4 BMA D . -6.28 37.30 -54.05
C5 BMA D . -5.79 36.02 -53.33
C6 BMA D . -4.41 35.57 -53.85
O2 BMA D . -6.94 38.78 -50.92
O3 BMA D . -6.87 39.51 -53.40
O4 BMA D . -6.84 36.95 -55.30
O5 BMA D . -5.74 36.22 -51.93
O6 BMA D . -4.33 35.68 -55.26
C1 FUC D . -2.55 31.49 -45.86
C2 FUC D . -2.13 30.63 -47.04
C3 FUC D . -2.41 31.35 -48.35
C4 FUC D . -1.71 32.72 -48.37
C5 FUC D . -2.07 33.52 -47.11
C6 FUC D . -1.27 34.81 -47.00
O2 FUC D . -2.83 29.38 -47.04
O3 FUC D . -1.98 30.54 -49.45
O4 FUC D . -0.30 32.51 -48.46
O5 FUC D . -1.88 32.76 -45.91
C1 NAG E . -34.65 5.51 -10.97
C2 NAG E . -33.59 6.04 -10.00
C3 NAG E . -34.23 6.93 -8.93
C4 NAG E . -35.13 8.00 -9.55
C5 NAG E . -36.15 7.30 -10.46
C6 NAG E . -37.12 8.25 -11.15
C7 NAG E . -31.57 4.86 -9.24
C8 NAG E . -30.72 6.00 -9.73
N2 NAG E . -32.89 4.93 -9.38
O3 NAG E . -33.21 7.55 -8.19
O4 NAG E . -35.77 8.67 -8.49
O5 NAG E . -35.47 6.56 -11.47
O6 NAG E . -36.44 9.32 -11.78
O7 NAG E . -31.03 3.88 -8.72
C1 NAG E . -35.60 10.11 -8.53
C2 NAG E . -36.74 10.73 -7.73
C3 NAG E . -36.59 12.24 -7.49
C4 NAG E . -35.14 12.75 -7.38
C5 NAG E . -34.16 11.95 -8.24
C6 NAG E . -32.70 12.30 -7.92
C7 NAG E . -38.79 9.39 -8.10
C8 NAG E . -40.05 9.25 -8.88
N2 NAG E . -38.01 10.45 -8.38
O3 NAG E . -37.23 12.54 -6.26
O4 NAG E . -35.08 14.14 -7.70
O5 NAG E . -34.35 10.56 -8.04
O6 NAG E . -32.43 12.04 -6.56
O7 NAG E . -38.52 8.55 -7.24
C1 BMA E . -34.93 14.91 -6.49
C2 BMA E . -33.78 15.91 -6.57
C3 BMA E . -33.63 16.65 -5.23
C4 BMA E . -34.98 17.15 -4.69
C5 BMA E . -36.07 16.06 -4.78
C6 BMA E . -37.44 16.57 -4.35
O2 BMA E . -34.01 16.83 -7.62
O3 BMA E . -32.74 17.74 -5.36
O4 BMA E . -34.83 17.55 -3.35
O5 BMA E . -36.13 15.56 -6.10
O6 BMA E . -38.42 15.57 -4.58
C1 NAG F . -24.67 14.87 -27.11
C2 NAG F . -24.14 15.32 -28.47
C3 NAG F . -22.78 15.99 -28.29
C4 NAG F . -22.91 17.21 -27.37
C5 NAG F . -23.62 16.77 -26.07
C6 NAG F . -23.95 17.94 -25.14
C7 NAG F . -24.99 14.05 -30.40
C8 NAG F . -26.18 14.96 -30.51
N2 NAG F . -24.08 14.24 -29.44
O3 NAG F . -22.18 16.33 -29.53
O4 NAG F . -21.62 17.72 -27.08
O5 NAG F . -24.82 16.06 -26.35
O6 NAG F . -24.86 18.82 -25.76
O7 NAG F . -24.88 13.11 -31.20
C1 NAG F . -21.51 19.15 -27.23
C2 NAG F . -20.31 19.61 -26.41
C3 NAG F . -19.85 21.05 -26.72
C4 NAG F . -20.32 21.71 -28.03
C5 NAG F . -21.45 20.95 -28.74
C6 NAG F . -21.46 21.25 -30.24
C7 NAG F . -19.97 18.68 -24.16
C8 NAG F . -20.39 18.74 -22.72
N2 NAG F . -20.58 19.53 -24.99
O3 NAG F . -18.45 21.09 -26.68
O4 NAG F . -20.79 22.99 -27.66
O5 NAG F . -21.34 19.55 -28.57
O6 NAG F . -22.52 20.56 -30.86
O7 NAG F . -19.12 17.86 -24.52
C1 BMA F . -20.14 24.15 -28.26
C2 BMA F . -18.99 24.73 -27.41
C3 BMA F . -18.32 25.94 -28.07
C4 BMA F . -18.20 25.82 -29.59
C5 BMA F . -19.50 25.30 -30.19
C6 BMA F . -19.48 25.20 -31.72
O2 BMA F . -18.01 23.74 -27.15
O3 BMA F . -17.03 26.12 -27.52
O4 BMA F . -17.87 27.09 -30.13
O5 BMA F . -19.77 24.03 -29.62
O6 BMA F . -20.36 26.16 -32.27
C1 FUC F . -21.03 15.47 -29.76
C2 FUC F . -20.58 15.49 -31.24
C3 FUC F . -19.69 16.68 -31.55
C4 FUC F . -18.54 16.76 -30.55
C5 FUC F . -19.10 16.82 -29.13
C6 FUC F . -18.00 16.93 -28.08
O2 FUC F . -21.70 15.45 -32.13
O3 FUC F . -19.15 16.55 -32.88
O4 FUC F . -17.69 15.61 -30.69
O5 FUC F . -19.92 15.66 -28.87
C1 NAG G . 1.47 -35.52 10.71
C2 NAG G . 2.20 -34.61 9.72
C3 NAG G . 3.04 -35.45 8.75
C4 NAG G . 3.94 -36.41 9.52
C5 NAG G . 3.09 -37.25 10.48
C6 NAG G . 3.87 -38.29 11.29
C7 NAG G . 1.41 -32.41 9.00
C8 NAG G . 0.33 -31.64 8.29
N2 NAG G . 1.24 -33.74 9.06
O3 NAG G . 3.85 -34.63 7.93
O4 NAG G . 4.65 -37.24 8.63
O5 NAG G . 2.39 -36.37 11.35
O6 NAG G . 5.04 -37.72 11.85
O7 NAG G . 2.37 -31.81 9.47
C1 NAG G . 6.08 -37.14 8.82
C2 NAG G . 6.74 -38.29 8.07
C3 NAG G . 8.26 -38.21 8.14
C4 NAG G . 8.81 -36.80 7.92
C5 NAG G . 7.99 -35.77 8.72
C6 NAG G . 8.41 -34.31 8.48
C7 NAG G . 5.31 -40.29 8.04
C8 NAG G . 4.97 -41.57 8.75
N2 NAG G . 6.28 -39.56 8.61
O3 NAG G . 8.82 -39.05 7.16
O4 NAG G . 10.17 -36.83 8.32
O5 NAG G . 6.61 -35.89 8.41
O6 NAG G . 8.36 -33.99 7.11
O7 NAG G . 4.73 -39.97 7.00
C1 BMA G . 11.05 -36.21 7.36
C2 BMA G . 12.28 -35.69 8.10
C3 BMA G . 13.35 -35.13 7.16
C4 BMA G . 13.56 -36.03 5.94
C5 BMA G . 12.20 -36.38 5.32
C6 BMA G . 12.29 -37.20 4.03
O2 BMA G . 12.80 -36.73 8.89
O3 BMA G . 14.56 -34.92 7.86
O4 BMA G . 14.36 -35.35 5.00
O5 BMA G . 11.44 -37.07 6.29
O6 BMA G . 11.22 -36.83 3.18
C1 NAG H . 28.09 3.49 10.85
C2 NAG H . 28.37 2.18 10.11
C3 NAG H . 29.79 2.13 9.53
C4 NAG H . 30.21 3.46 8.87
C5 NAG H . 29.84 4.64 9.78
C6 NAG H . 30.12 6.01 9.17
C7 NAG H . 27.14 0.18 10.87
C8 NAG H . 27.06 -0.87 11.93
N2 NAG H . 28.11 1.08 11.03
O3 NAG H . 29.91 1.11 8.56
O4 NAG H . 31.59 3.42 8.59
O5 NAG H . 28.45 4.59 10.04
O6 NAG H . 29.20 6.26 8.14
O7 NAG H . 26.34 0.16 9.93
C1 FUC H . 30.53 -0.07 9.12
C2 FUC H . 29.87 -1.34 8.57
C3 FUC H . 30.42 -1.68 7.18
C4 FUC H . 31.94 -1.72 7.19
C5 FUC H . 32.50 -0.41 7.73
C6 FUC H . 34.03 -0.44 7.79
O2 FUC H . 28.45 -1.16 8.45
O3 FUC H . 29.85 -2.92 6.75
O4 FUC H . 32.41 -2.81 8.00
O5 FUC H . 31.96 -0.12 9.04
C1 NAG H . 31.90 3.96 7.29
C2 NAG H . 33.38 4.35 7.26
C3 NAG H . 34.06 4.37 5.88
C4 NAG H . 33.32 3.68 4.73
C5 NAG H . 31.79 3.66 4.93
C6 NAG H . 31.06 2.88 3.85
C7 NAG H . 34.06 5.87 9.11
C8 NAG H . 34.12 7.30 9.55
N2 NAG H . 33.53 5.66 7.88
O3 NAG H . 35.35 3.79 5.99
O4 NAG H . 33.65 4.30 3.49
O5 NAG H . 31.52 3.10 6.21
O6 NAG H . 31.11 1.49 4.13
O7 NAG H . 34.49 4.98 9.85
C1 NAG I . 27.76 -10.18 43.91
C2 NAG I . 27.33 -9.34 45.11
C3 NAG I . 28.50 -9.07 46.08
C4 NAG I . 29.37 -10.30 46.36
C5 NAG I . 29.76 -10.90 45.01
C6 NAG I . 30.68 -12.11 45.09
C7 NAG I . 27.17 -7.15 43.86
C8 NAG I . 26.30 -5.95 43.62
N2 NAG I . 26.68 -8.09 44.69
O3 NAG I . 28.04 -8.50 47.30
O4 NAG I . 30.51 -9.88 47.10
O5 NAG I . 28.57 -11.26 44.34
O6 NAG I . 30.10 -13.15 45.86
O7 NAG I . 28.27 -7.20 43.27
C1 NAG I . 30.79 -10.69 48.26
C2 NAG I . 32.31 -10.63 48.56
C3 NAG I . 32.71 -11.35 49.84
C4 NAG I . 31.70 -11.20 51.01
C5 NAG I . 30.25 -11.17 50.51
C6 NAG I . 29.27 -10.83 51.63
C7 NAG I . 33.81 -10.34 46.65
C8 NAG I . 34.60 -11.04 45.59
N2 NAG I . 33.11 -11.14 47.46
O3 NAG I . 33.97 -10.85 50.24
O4 NAG I . 31.81 -12.23 51.98
O5 NAG I . 30.09 -10.28 49.42
O6 NAG I . 28.63 -9.59 51.39
O7 NAG I . 33.84 -9.11 46.72
C1 BMA I . 33.00 -12.25 52.84
C2 BMA I . 33.21 -10.98 53.70
C3 BMA I . 33.51 -11.33 55.16
C4 BMA I . 32.47 -12.29 55.72
C5 BMA I . 32.31 -13.53 54.84
C6 BMA I . 30.82 -13.81 54.57
O2 BMA I . 32.09 -10.12 53.64
O3 BMA I . 33.58 -10.16 55.96
O4 BMA I . 32.82 -12.69 57.03
O5 BMA I . 33.07 -13.45 53.62
O6 BMA I . 30.66 -14.87 53.66
C1 FUC I . 28.29 -7.09 47.29
C2 FUC I . 27.31 -6.37 48.22
C3 FUC I . 27.68 -6.63 49.67
C4 FUC I . 29.15 -6.25 49.93
C5 FUC I . 30.08 -6.96 48.93
C6 FUC I . 31.53 -6.51 49.07
O2 FUC I . 25.98 -6.83 47.95
O3 FUC I . 26.80 -5.89 50.50
O4 FUC I . 29.35 -4.84 49.85
O5 FUC I . 29.64 -6.70 47.58
C1 NAG J . 10.60 -26.74 27.59
C2 NAG J . 10.77 -26.16 28.98
C3 NAG J . 11.73 -24.96 28.94
C4 NAG J . 13.07 -25.34 28.29
C5 NAG J . 12.78 -25.99 26.93
C6 NAG J . 14.04 -26.52 26.24
C7 NAG J . 9.12 -26.04 30.81
C8 NAG J . 7.75 -25.59 31.22
N2 NAG J . 9.48 -25.78 29.54
O3 NAG J . 11.94 -24.45 30.25
O4 NAG J . 13.86 -24.18 28.14
O5 NAG J . 11.89 -27.08 27.10
O6 NAG J . 14.39 -27.78 26.75
O7 NAG J . 9.83 -26.61 31.61
C1 NAG J . 15.25 -24.32 28.52
C2 NAG J . 16.08 -23.28 27.77
C3 NAG J . 17.56 -23.22 28.20
C4 NAG J . 17.90 -23.60 29.65
C5 NAG J . 16.81 -24.46 30.31
C6 NAG J . 16.86 -24.38 31.84
C7 NAG J . 15.45 -22.58 25.51
C8 NAG J . 15.43 -22.91 24.06
N2 NAG J . 16.01 -23.48 26.33
O3 NAG J . 18.02 -21.90 27.95
O4 NAG J . 19.14 -24.29 29.58
O5 NAG J . 15.50 -24.12 29.90
O6 NAG J . 15.88 -25.23 32.39
O7 NAG J . 14.96 -21.53 25.92
C1 BMA J . 20.29 -23.76 30.32
C2 BMA J . 20.90 -22.44 29.79
C3 BMA J . 22.07 -21.95 30.65
C4 BMA J . 21.79 -22.08 32.14
C5 BMA J . 21.33 -23.51 32.44
C6 BMA J . 21.14 -23.82 33.92
O2 BMA J . 19.93 -21.42 29.68
O3 BMA J . 22.40 -20.61 30.34
O4 BMA J . 22.93 -21.72 32.89
O5 BMA J . 20.12 -23.74 31.73
O6 BMA J . 21.39 -25.19 34.14
C1 FUC J . 11.26 -23.19 30.49
C2 FUC J . 11.34 -22.82 31.97
C3 FUC J . 12.65 -22.10 32.33
C4 FUC J . 13.01 -21.00 31.33
C5 FUC J . 12.94 -21.55 29.90
C6 FUC J . 13.29 -20.49 28.85
O2 FUC J . 11.23 -23.99 32.80
O3 FUC J . 12.54 -21.54 33.64
O4 FUC J . 12.14 -19.86 31.49
O5 FUC J . 11.63 -22.10 29.63
C1 GLC K . -2.11 22.94 -19.31
C2 GLC K . -2.66 21.94 -18.27
C3 GLC K . -4.08 22.31 -17.83
C4 GLC K . -4.07 23.71 -17.24
C5 GLC K . -3.49 24.73 -18.22
C6 GLC K . -2.47 25.63 -17.50
O2 GLC K . -2.61 20.57 -18.73
O3 GLC K . -4.56 21.35 -16.86
O4 GLC K . -5.39 24.11 -16.85
O5 GLC K . -2.90 24.15 -19.41
O6 GLC K . -2.81 27.01 -17.71
C1 FRU K . -0.23 21.86 -22.09
C2 FRU K . -1.27 22.88 -21.65
C3 FRU K . -2.20 23.25 -22.80
C4 FRU K . -2.15 24.77 -22.89
C5 FRU K . -0.90 25.17 -22.12
C6 FRU K . -1.12 26.44 -21.30
O1 FRU K . -0.80 20.75 -22.78
O2 FRU K . -2.06 22.30 -20.60
O3 FRU K . -3.53 22.80 -22.56
O4 FRU K . -2.10 25.19 -24.26
O5 FRU K . -0.57 24.08 -21.27
O6 FRU K . 0.15 26.99 -20.93
C1 FRU K . -1.15 18.37 -22.88
C2 FRU K . -0.11 19.48 -22.72
C3 FRU K . 0.93 19.35 -23.83
C4 FRU K . 2.27 19.60 -23.15
C5 FRU K . 2.03 19.23 -21.70
C6 FRU K . 2.76 20.14 -20.71
O1 FRU K . -1.82 18.11 -21.64
O3 FRU K . 0.69 20.28 -24.90
O4 FRU K . 3.31 18.82 -23.72
O5 FRU K . 0.60 19.31 -21.49
O6 FRU K . 2.32 19.87 -19.38
C1 GLC L . 21.92 -5.43 20.26
C2 GLC L . 20.95 -6.03 19.23
C3 GLC L . 21.22 -7.53 19.00
C4 GLC L . 22.70 -7.77 18.70
C5 GLC L . 23.60 -7.14 19.77
C6 GLC L . 25.08 -7.26 19.40
O2 GLC L . 19.58 -5.81 19.60
O3 GLC L . 20.41 -8.02 17.93
O4 GLC L . 22.94 -9.17 18.61
O5 GLC L . 23.28 -5.74 19.95
O6 GLC L . 25.50 -6.12 18.65
C1 FRU L . 20.31 -3.99 22.44
C2 FRU L . 21.58 -4.82 22.60
C3 FRU L . 21.72 -5.50 23.95
C4 FRU L . 23.21 -5.48 24.21
C5 FRU L . 23.68 -4.22 23.50
C6 FRU L . 25.07 -4.36 22.89
O1 FRU L . 19.55 -3.80 23.64
O2 FRU L . 21.60 -5.84 21.59
O3 FRU L . 21.20 -6.84 23.94
O4 FRU L . 23.52 -5.46 25.61
O5 FRU L . 22.72 -3.94 22.49
O6 FRU L . 25.58 -3.06 22.57
C1 FRU L . 17.14 -4.01 23.50
C2 FRU L . 18.33 -3.05 23.48
C3 FRU L . 18.21 -2.03 24.60
C4 FRU L . 18.87 -0.79 24.04
C5 FRU L . 18.54 -0.87 22.56
C6 FRU L . 19.67 -0.31 21.70
O1 FRU L . 16.98 -4.65 22.22
O3 FRU L . 18.82 -2.51 25.81
O4 FRU L . 18.37 0.42 24.62
O5 FRU L . 18.32 -2.26 22.27
O6 FRU L . 19.31 -0.44 20.31
S SO4 M . 17.32 0.25 -45.48
O1 SO4 M . 17.26 0.49 -44.04
O2 SO4 M . 17.17 -1.17 -45.73
O3 SO4 M . 16.23 0.97 -46.12
O4 SO4 M . 18.61 0.71 -45.99
C1 GOL N . -0.21 1.33 -11.69
O1 GOL N . -0.06 0.04 -11.15
C2 GOL N . -0.68 1.28 -13.15
O2 GOL N . 0.24 0.53 -13.91
C3 GOL N . -0.80 2.68 -13.73
O3 GOL N . -1.95 3.35 -13.23
S SO4 O . 0.13 16.62 45.31
O1 SO4 O . 0.67 17.34 46.46
O2 SO4 O . -0.50 15.37 45.76
O3 SO4 O . -0.85 17.45 44.61
O4 SO4 O . 1.21 16.30 44.39
C1 GOL P . 1.32 -0.87 11.16
O1 GOL P . 0.10 -0.87 10.45
C2 GOL P . 1.11 -1.29 12.62
O2 GOL P . 0.38 -0.29 13.29
C3 GOL P . 2.46 -1.46 13.33
O3 GOL P . 2.81 -2.82 13.44
#